data_1JS4
#
_entry.id   1JS4
#
_cell.length_a   145.680
_cell.length_b   145.680
_cell.length_c   157.080
_cell.angle_alpha   90.00
_cell.angle_beta   90.00
_cell.angle_gamma   90.00
#
_symmetry.space_group_name_H-M   'P 41 21 2'
#
loop_
_entity.id
_entity.type
_entity.pdbx_description
1 polymer 'ENDO/EXOCELLULASE E4'
2 branched beta-D-glucopyranose-(1-4)-beta-D-glucopyranose-(1-4)-beta-D-glucopyranose
3 branched beta-D-glucopyranose-(1-4)-beta-D-glucopyranose
4 non-polymer 'CALCIUM ION'
5 non-polymer beta-D-glucopyranose
6 water water
#
_entity_poly.entity_id   1
_entity_poly.type   'polypeptide(L)'
_entity_poly.pdbx_seq_one_letter_code
;EPAFNYAEALQKSMFFYEAQRSGKLPENNRVSWRGDSGLNDGADVGLDLTGGWYDAGDHVKFGFPMAFTATMLAWGAIES
PEGYIRSGQMPYLKDNLRWVNDYFIKAHPSPNVLYVQVGDGDADHKWWGPAEVMPMERPSFKVDPSCPGSDVAAETAAAM
AASSIVFADDDPAYAATLVQHAKQLYTFADTYRGVYSDCVPAGAFYNSWSGYQDELVWGAYWLYKATGDDSYLAKAEYEY
DFLSTEQQTDLRSYRWTIAWDDKSYGTYVLLAKETGKQKYIDDANRWLDYWTVGVNGQRVPYSPGGMAVLDTWGALRYAA
NTAFVALVYAKVIDDPVRKQRYHDFAVRQINYALGDNPRNSSYVVGFGNNPPRNPHHRTAHGSWTDSIASPAENRHVLYG
ALVGGPGSPNDAYTDDRQDYVANEVATDYNAGFSSALAMLVEEYGGTPLADFPPTEEPDGPEIFVEAQINTPGTTFTEIK
AMIRNQSGWPARMLDKGTFRYWFTLDEGVDPADITVSSAYNQCATPEDVHHVSGDLYYVEIDCTGEKIFPGGQSEHRREV
QFRIAGGPGWDPSNDWSFQGIGNELAPAPYIVLYDDGVPVWGTAP
;
_entity_poly.pdbx_strand_id   A,B
#
# COMPACT_ATOMS: atom_id res chain seq x y z
N GLU A 1 39.98 41.27 20.49
CA GLU A 1 39.61 40.58 19.22
C GLU A 1 38.76 39.36 19.56
N PRO A 2 38.24 38.64 18.53
CA PRO A 2 37.41 37.46 18.82
C PRO A 2 38.18 36.45 19.67
N ALA A 3 37.54 35.96 20.73
CA ALA A 3 38.14 35.00 21.64
C ALA A 3 38.53 33.73 20.87
N PHE A 4 37.72 33.41 19.87
CA PHE A 4 37.94 32.26 19.01
C PHE A 4 37.67 32.72 17.60
N ASN A 5 38.33 32.11 16.63
CA ASN A 5 38.11 32.52 15.25
C ASN A 5 36.83 31.91 14.72
N TYR A 6 35.72 32.62 14.93
CA TYR A 6 34.41 32.17 14.47
C TYR A 6 34.33 31.96 12.95
N ALA A 7 35.08 32.74 12.18
CA ALA A 7 35.05 32.60 10.73
C ALA A 7 35.66 31.28 10.27
N GLU A 8 36.74 30.87 10.92
CA GLU A 8 37.42 29.62 10.60
C GLU A 8 36.50 28.45 10.97
N ALA A 9 35.86 28.56 12.13
CA ALA A 9 34.96 27.53 12.60
C ALA A 9 33.83 27.34 11.60
N LEU A 10 33.27 28.45 11.10
CA LEU A 10 32.17 28.39 10.16
C LEU A 10 32.66 27.77 8.85
N GLN A 11 33.83 28.20 8.42
CA GLN A 11 34.44 27.70 7.20
C GLN A 11 34.58 26.17 7.24
N LYS A 12 34.95 25.65 8.40
CA LYS A 12 35.10 24.21 8.55
C LYS A 12 33.74 23.53 8.67
N SER A 13 32.77 24.21 9.25
CA SER A 13 31.42 23.66 9.38
C SER A 13 30.83 23.43 8.00
N MET A 14 31.10 24.34 7.07
CA MET A 14 30.60 24.20 5.70
C MET A 14 31.22 22.99 5.01
N PHE A 15 32.48 22.70 5.35
CA PHE A 15 33.20 21.57 4.79
C PHE A 15 32.57 20.26 5.29
N PHE A 16 32.18 20.25 6.57
CA PHE A 16 31.55 19.08 7.16
C PHE A 16 30.33 18.65 6.33
N TYR A 17 29.47 19.60 5.99
CA TYR A 17 28.29 19.31 5.20
C TYR A 17 28.65 18.76 3.82
N GLU A 18 29.76 19.23 3.27
CA GLU A 18 30.20 18.74 1.97
C GLU A 18 30.65 17.27 2.10
N ALA A 19 31.22 16.92 3.24
CA ALA A 19 31.69 15.56 3.49
C ALA A 19 30.54 14.58 3.76
N GLN A 20 29.36 15.13 4.02
CA GLN A 20 28.18 14.29 4.28
C GLN A 20 27.40 13.99 3.01
N ARG A 21 27.84 14.55 1.89
CA ARG A 21 27.15 14.35 0.61
C ARG A 21 27.06 12.90 0.13
N SER A 22 25.95 12.60 -0.54
CA SER A 22 25.70 11.28 -1.11
C SER A 22 25.43 11.49 -2.59
N GLY A 23 25.56 10.43 -3.39
CA GLY A 23 25.32 10.56 -4.81
C GLY A 23 26.56 10.80 -5.61
N LYS A 24 26.42 11.25 -6.85
CA LYS A 24 27.57 11.51 -7.69
C LYS A 24 28.13 12.90 -7.38
N LEU A 25 29.32 12.92 -6.80
CA LEU A 25 29.97 14.18 -6.41
C LEU A 25 30.46 14.98 -7.62
N PRO A 26 30.46 16.31 -7.52
CA PRO A 26 30.88 17.23 -8.59
C PRO A 26 32.38 17.19 -8.83
N GLU A 27 32.80 17.78 -9.95
CA GLU A 27 34.21 17.85 -10.32
C GLU A 27 34.97 18.68 -9.30
N ASN A 28 34.31 19.72 -8.80
CA ASN A 28 34.88 20.64 -7.82
C ASN A 28 34.92 20.14 -6.38
N ASN A 29 34.64 18.85 -6.18
CA ASN A 29 34.64 18.25 -4.85
C ASN A 29 35.88 18.60 -4.02
N ARG A 30 35.67 19.24 -2.89
CA ARG A 30 36.78 19.63 -1.99
C ARG A 30 37.24 18.54 -1.04
N VAL A 31 36.42 17.51 -0.82
CA VAL A 31 36.76 16.42 0.08
C VAL A 31 37.39 15.27 -0.70
N SER A 32 38.72 15.28 -0.78
CA SER A 32 39.45 14.27 -1.53
C SER A 32 39.24 12.82 -1.11
N TRP A 33 38.82 12.60 0.13
CA TRP A 33 38.58 11.25 0.61
C TRP A 33 37.14 10.78 0.42
N ARG A 34 36.34 11.56 -0.31
CA ARG A 34 34.96 11.22 -0.59
C ARG A 34 34.77 11.01 -2.09
N GLY A 35 34.04 9.96 -2.45
CA GLY A 35 33.79 9.65 -3.84
C GLY A 35 32.32 9.33 -4.04
N ASP A 36 31.93 8.96 -5.25
CA ASP A 36 30.53 8.64 -5.56
C ASP A 36 30.03 7.49 -4.70
N SER A 37 28.79 7.61 -4.24
CA SER A 37 28.19 6.58 -3.39
C SER A 37 26.69 6.65 -3.49
N GLY A 38 26.00 5.60 -3.08
CA GLY A 38 24.55 5.57 -3.14
C GLY A 38 24.01 5.90 -4.53
N LEU A 39 24.72 5.43 -5.55
CA LEU A 39 24.36 5.68 -6.94
C LEU A 39 23.12 4.95 -7.42
N ASN A 40 22.62 4.02 -6.60
CA ASN A 40 21.44 3.27 -6.97
C ASN A 40 20.26 3.58 -6.07
N ASP A 41 20.34 4.72 -5.39
CA ASP A 41 19.26 5.14 -4.50
C ASP A 41 18.02 5.48 -5.29
N GLY A 42 16.91 4.85 -4.94
CA GLY A 42 15.64 5.08 -5.61
C GLY A 42 15.35 4.06 -6.67
N ALA A 43 16.35 3.30 -7.08
CA ALA A 43 16.21 2.28 -8.12
C ALA A 43 15.08 1.30 -7.80
N ASP A 44 14.92 0.96 -6.53
CA ASP A 44 13.89 0.00 -6.13
C ASP A 44 12.46 0.50 -6.41
N VAL A 45 12.30 1.79 -6.65
CA VAL A 45 10.99 2.37 -6.94
C VAL A 45 10.98 3.12 -8.28
N GLY A 46 11.99 2.82 -9.11
CA GLY A 46 12.10 3.43 -10.42
C GLY A 46 12.33 4.94 -10.40
N LEU A 47 12.95 5.43 -9.35
CA LEU A 47 13.22 6.86 -9.24
C LEU A 47 14.68 7.16 -8.99
N ASP A 48 15.08 8.37 -9.34
CA ASP A 48 16.45 8.80 -9.11
C ASP A 48 16.38 9.53 -7.79
N LEU A 49 16.79 8.84 -6.72
CA LEU A 49 16.78 9.45 -5.40
C LEU A 49 18.20 9.62 -4.89
N THR A 50 19.14 9.85 -5.81
CA THR A 50 20.52 10.05 -5.44
C THR A 50 20.70 11.48 -4.97
N GLY A 51 21.74 11.73 -4.17
CA GLY A 51 21.98 13.07 -3.68
C GLY A 51 21.61 13.17 -2.21
N GLY A 52 21.49 14.40 -1.71
CA GLY A 52 21.13 14.57 -0.32
C GLY A 52 22.30 14.35 0.61
N TRP A 53 22.02 14.25 1.90
CA TRP A 53 23.05 14.08 2.92
C TRP A 53 22.86 12.83 3.76
N TYR A 54 23.98 12.25 4.16
CA TYR A 54 23.93 11.11 5.05
C TYR A 54 23.69 11.78 6.41
N ASP A 55 22.83 11.19 7.20
CA ASP A 55 22.49 11.79 8.48
C ASP A 55 23.59 12.07 9.50
N ALA A 56 24.28 11.02 9.93
CA ALA A 56 25.32 11.15 10.95
C ALA A 56 26.57 10.39 10.57
N GLY A 57 27.02 9.49 11.44
CA GLY A 57 28.20 8.69 11.15
C GLY A 57 27.80 7.45 10.38
N ASP A 58 26.54 7.41 9.97
CA ASP A 58 25.95 6.30 9.21
C ASP A 58 25.64 6.74 7.79
N HIS A 59 24.95 5.88 7.04
CA HIS A 59 24.64 6.20 5.65
C HIS A 59 23.16 6.24 5.29
N VAL A 60 22.31 6.39 6.30
CA VAL A 60 20.89 6.48 6.05
C VAL A 60 20.55 7.93 5.76
N LYS A 61 19.63 8.14 4.82
CA LYS A 61 19.20 9.48 4.46
C LYS A 61 17.84 9.68 5.11
N PHE A 62 17.87 10.22 6.33
CA PHE A 62 16.68 10.48 7.14
C PHE A 62 16.11 11.85 6.79
N GLY A 63 15.02 11.85 6.03
CA GLY A 63 14.40 13.08 5.58
C GLY A 63 13.94 14.11 6.61
N PHE A 64 13.46 13.67 7.77
CA PHE A 64 13.00 14.60 8.81
C PHE A 64 14.15 15.50 9.31
N PRO A 65 15.21 14.92 9.90
CA PRO A 65 16.33 15.78 10.33
C PRO A 65 17.06 16.50 9.17
N MET A 66 17.09 15.86 8.01
CA MET A 66 17.74 16.48 6.84
C MET A 66 17.03 17.78 6.50
N ALA A 67 15.70 17.75 6.48
CA ALA A 67 14.90 18.94 6.18
C ALA A 67 15.12 20.02 7.24
N PHE A 68 15.02 19.63 8.51
CA PHE A 68 15.21 20.60 9.60
C PHE A 68 16.58 21.28 9.49
N THR A 69 17.61 20.50 9.24
CA THR A 69 18.97 21.01 9.11
C THR A 69 18.96 22.12 8.05
N ALA A 70 18.33 21.82 6.91
CA ALA A 70 18.25 22.79 5.82
C ALA A 70 17.53 24.08 6.26
N THR A 71 16.40 23.95 6.97
CA THR A 71 15.67 25.12 7.42
C THR A 71 16.51 25.99 8.37
N MET A 72 17.22 25.34 9.29
CA MET A 72 18.06 26.06 10.26
C MET A 72 19.22 26.77 9.59
N LEU A 73 19.83 26.12 8.60
CA LEU A 73 20.95 26.70 7.88
C LEU A 73 20.47 27.92 7.11
N ALA A 74 19.32 27.79 6.45
CA ALA A 74 18.76 28.91 5.69
C ALA A 74 18.45 30.07 6.63
N TRP A 75 17.80 29.76 7.75
CA TRP A 75 17.43 30.75 8.74
C TRP A 75 18.65 31.61 9.15
N GLY A 76 19.76 30.97 9.45
CA GLY A 76 20.96 31.70 9.84
C GLY A 76 21.48 32.62 8.75
N ALA A 77 21.39 32.17 7.50
CA ALA A 77 21.83 32.93 6.34
C ALA A 77 20.92 34.13 6.11
N ILE A 78 19.67 34.01 6.53
CA ILE A 78 18.70 35.09 6.40
C ILE A 78 18.93 36.10 7.52
N GLU A 79 19.20 35.61 8.72
CA GLU A 79 19.45 36.48 9.86
C GLU A 79 20.77 37.23 9.74
N SER A 80 21.81 36.54 9.28
CA SER A 80 23.12 37.15 9.16
C SER A 80 23.82 36.82 7.85
N PRO A 81 23.34 37.38 6.73
CA PRO A 81 24.06 37.17 5.46
C PRO A 81 25.47 37.78 5.54
N GLU A 82 25.63 38.83 6.34
CA GLU A 82 26.93 39.48 6.51
C GLU A 82 27.95 38.56 7.13
N GLY A 83 27.53 37.75 8.10
CA GLY A 83 28.45 36.83 8.75
C GLY A 83 29.03 35.85 7.74
N TYR A 84 28.15 35.39 6.85
CA TYR A 84 28.55 34.47 5.80
C TYR A 84 29.41 35.16 4.74
N ILE A 85 29.05 36.40 4.41
CA ILE A 85 29.80 37.14 3.41
C ILE A 85 31.22 37.48 3.90
N ARG A 86 31.31 37.95 5.14
CA ARG A 86 32.61 38.31 5.74
C ARG A 86 33.54 37.13 5.92
N SER A 87 33.01 35.96 6.26
CA SER A 87 33.84 34.78 6.44
C SER A 87 34.17 34.16 5.08
N GLY A 88 33.58 34.71 4.01
CA GLY A 88 33.81 34.20 2.67
C GLY A 88 33.16 32.85 2.45
N GLN A 89 32.17 32.54 3.28
CA GLN A 89 31.49 31.25 3.19
C GLN A 89 30.14 31.24 2.49
N MET A 90 29.66 32.42 2.10
CA MET A 90 28.36 32.48 1.43
C MET A 90 28.22 31.52 0.24
N PRO A 91 29.23 31.46 -0.64
CA PRO A 91 29.13 30.52 -1.76
C PRO A 91 29.04 29.05 -1.34
N TYR A 92 29.70 28.71 -0.24
CA TYR A 92 29.68 27.33 0.26
C TYR A 92 28.35 27.03 0.92
N LEU A 93 27.75 28.03 1.58
CA LEU A 93 26.46 27.84 2.21
C LEU A 93 25.45 27.57 1.09
N LYS A 94 25.46 28.43 0.07
CA LYS A 94 24.54 28.28 -1.06
C LYS A 94 24.72 26.96 -1.77
N ASP A 95 25.97 26.55 -1.95
CA ASP A 95 26.28 25.29 -2.60
C ASP A 95 25.67 24.14 -1.79
N ASN A 96 25.86 24.19 -0.47
CA ASN A 96 25.32 23.17 0.43
C ASN A 96 23.78 23.13 0.38
N LEU A 97 23.15 24.30 0.44
CA LEU A 97 21.69 24.38 0.39
C LEU A 97 21.15 23.91 -0.94
N ARG A 98 21.84 24.23 -2.03
CA ARG A 98 21.38 23.81 -3.36
C ARG A 98 21.45 22.30 -3.44
N TRP A 99 22.47 21.71 -2.83
CA TRP A 99 22.66 20.28 -2.85
C TRP A 99 21.49 19.54 -2.21
N VAL A 100 21.14 19.93 -0.99
CA VAL A 100 20.05 19.29 -0.29
C VAL A 100 18.68 19.59 -0.91
N ASN A 101 18.48 20.79 -1.45
CA ASN A 101 17.21 21.13 -2.07
C ASN A 101 17.00 20.41 -3.40
N ASP A 102 18.08 20.16 -4.14
CA ASP A 102 17.99 19.43 -5.39
C ASP A 102 17.46 18.04 -5.07
N TYR A 103 17.87 17.51 -3.91
CA TYR A 103 17.43 16.20 -3.47
C TYR A 103 15.94 16.22 -3.12
N PHE A 104 15.51 17.24 -2.37
CA PHE A 104 14.10 17.37 -1.99
C PHE A 104 13.19 17.43 -3.20
N ILE A 105 13.65 18.08 -4.27
CA ILE A 105 12.90 18.17 -5.51
C ILE A 105 12.72 16.78 -6.12
N LYS A 106 13.81 16.01 -6.15
CA LYS A 106 13.81 14.64 -6.68
C LYS A 106 12.88 13.76 -5.85
N ALA A 107 12.90 13.97 -4.54
CA ALA A 107 12.08 13.20 -3.61
C ALA A 107 10.62 13.60 -3.60
N HIS A 108 10.25 14.59 -4.40
CA HIS A 108 8.86 15.04 -4.48
C HIS A 108 8.37 14.92 -5.93
N PRO A 109 8.16 13.67 -6.40
CA PRO A 109 7.76 13.42 -7.78
C PRO A 109 6.39 13.98 -8.16
N SER A 110 5.49 14.05 -7.19
CA SER A 110 4.16 14.60 -7.42
C SER A 110 3.68 15.31 -6.16
N PRO A 111 2.75 16.27 -6.28
CA PRO A 111 2.29 17.08 -5.16
C PRO A 111 2.09 16.41 -3.80
N ASN A 112 1.41 15.26 -3.75
CA ASN A 112 1.18 14.59 -2.46
C ASN A 112 2.07 13.39 -2.16
N VAL A 113 3.24 13.32 -2.80
CA VAL A 113 4.15 12.20 -2.57
C VAL A 113 5.53 12.69 -2.18
N LEU A 114 6.01 12.24 -1.02
CA LEU A 114 7.31 12.65 -0.54
C LEU A 114 8.12 11.49 -0.02
N TYR A 115 9.26 11.23 -0.67
CA TYR A 115 10.14 10.17 -0.22
C TYR A 115 10.92 10.73 0.97
N VAL A 116 10.73 10.09 2.11
CA VAL A 116 11.35 10.53 3.35
C VAL A 116 12.51 9.69 3.88
N GLN A 117 12.85 8.60 3.21
CA GLN A 117 13.94 7.78 3.70
C GLN A 117 14.51 6.86 2.64
N VAL A 118 15.84 6.78 2.60
CA VAL A 118 16.54 5.90 1.68
C VAL A 118 17.53 5.15 2.56
N GLY A 119 17.32 3.85 2.68
CA GLY A 119 18.19 3.02 3.50
C GLY A 119 17.44 2.52 4.71
N ASP A 120 17.88 1.38 5.23
CA ASP A 120 17.27 0.79 6.42
C ASP A 120 18.23 0.95 7.60
N GLY A 121 17.75 1.57 8.67
CA GLY A 121 18.56 1.81 9.85
C GLY A 121 19.34 0.64 10.40
N ASP A 122 18.68 -0.51 10.54
CA ASP A 122 19.33 -1.71 11.07
C ASP A 122 20.34 -2.33 10.12
N ALA A 123 19.96 -2.44 8.85
CA ALA A 123 20.86 -3.02 7.86
C ALA A 123 22.09 -2.14 7.72
N ASP A 124 21.86 -0.84 7.70
CA ASP A 124 22.93 0.13 7.54
C ASP A 124 23.89 0.16 8.73
N HIS A 125 23.36 0.14 9.94
CA HIS A 125 24.18 0.19 11.14
C HIS A 125 24.93 -1.09 11.50
N LYS A 126 24.59 -2.19 10.85
CA LYS A 126 25.24 -3.47 11.10
C LYS A 126 26.63 -3.54 10.46
N TRP A 127 26.86 -2.71 9.46
CA TRP A 127 28.13 -2.70 8.74
C TRP A 127 28.93 -1.43 9.06
N TRP A 128 30.22 -1.60 9.28
CA TRP A 128 31.10 -0.46 9.58
C TRP A 128 32.15 -0.31 8.48
N GLY A 129 31.91 0.62 7.55
CA GLY A 129 32.87 0.83 6.48
C GLY A 129 32.54 2.09 5.68
N PRO A 130 33.39 2.43 4.69
CA PRO A 130 33.22 3.64 3.86
C PRO A 130 31.95 3.60 2.99
N ALA A 131 31.36 4.78 2.79
CA ALA A 131 30.15 4.91 1.99
C ALA A 131 30.27 4.46 0.54
N GLU A 132 31.42 4.69 -0.06
CA GLU A 132 31.66 4.35 -1.47
C GLU A 132 31.52 2.87 -1.83
N VAL A 133 31.63 1.99 -0.83
CA VAL A 133 31.54 0.56 -1.10
C VAL A 133 30.48 -0.17 -0.28
N MET A 134 29.40 0.53 0.09
CA MET A 134 28.31 -0.09 0.85
C MET A 134 27.85 -1.34 0.11
N PRO A 135 27.83 -2.49 0.79
CA PRO A 135 27.47 -3.74 0.12
C PRO A 135 25.98 -4.12 0.23
N MET A 136 25.22 -3.41 1.06
CA MET A 136 23.82 -3.75 1.25
C MET A 136 22.79 -3.01 0.40
N GLU A 137 21.57 -3.55 0.40
CA GLU A 137 20.45 -2.99 -0.33
C GLU A 137 19.91 -1.78 0.42
N ARG A 138 19.49 -0.76 -0.31
CA ARG A 138 18.98 0.45 0.30
C ARG A 138 17.55 0.75 -0.16
N PRO A 139 16.56 0.40 0.67
CA PRO A 139 15.13 0.57 0.37
C PRO A 139 14.69 2.03 0.46
N SER A 140 13.75 2.42 -0.39
CA SER A 140 13.22 3.78 -0.39
C SER A 140 11.86 3.74 0.31
N PHE A 141 11.55 4.77 1.09
CA PHE A 141 10.29 4.85 1.82
C PHE A 141 9.67 6.20 1.56
N LYS A 142 8.34 6.26 1.59
CA LYS A 142 7.65 7.51 1.32
C LYS A 142 6.37 7.66 2.12
N VAL A 143 5.82 8.88 2.08
CA VAL A 143 4.57 9.21 2.72
C VAL A 143 3.66 9.80 1.61
N ASP A 144 2.38 9.51 1.68
CA ASP A 144 1.40 9.98 0.70
C ASP A 144 0.03 10.04 1.38
N PRO A 145 -1.04 10.35 0.63
CA PRO A 145 -2.37 10.37 1.26
C PRO A 145 -2.76 9.06 1.97
N SER A 146 -2.30 7.93 1.43
CA SER A 146 -2.61 6.62 2.01
C SER A 146 -1.95 6.42 3.38
N CYS A 147 -0.81 7.08 3.58
CA CYS A 147 -0.08 7.00 4.84
C CYS A 147 0.73 8.28 4.91
N PRO A 148 0.13 9.35 5.47
CA PRO A 148 0.71 10.69 5.49
C PRO A 148 1.84 10.93 6.48
N GLY A 149 2.32 12.17 6.49
CA GLY A 149 3.40 12.55 7.38
C GLY A 149 3.48 14.06 7.38
N SER A 150 2.54 14.69 8.09
CA SER A 150 2.45 16.14 8.18
C SER A 150 3.73 16.76 8.72
N ASP A 151 4.32 16.13 9.73
CA ASP A 151 5.55 16.64 10.33
C ASP A 151 6.70 16.78 9.33
N VAL A 152 7.04 15.69 8.66
CA VAL A 152 8.14 15.70 7.70
C VAL A 152 7.82 16.48 6.42
N ALA A 153 6.56 16.49 6.01
CA ALA A 153 6.15 17.22 4.80
C ALA A 153 6.19 18.72 5.05
N ALA A 154 5.69 19.15 6.20
CA ALA A 154 5.69 20.57 6.54
C ALA A 154 7.12 21.06 6.76
N GLU A 155 7.98 20.19 7.31
CA GLU A 155 9.36 20.57 7.55
C GLU A 155 10.09 20.75 6.22
N THR A 156 9.84 19.86 5.27
CA THR A 156 10.46 19.96 3.95
C THR A 156 9.94 21.21 3.25
N ALA A 157 8.68 21.55 3.50
CA ALA A 157 8.05 22.74 2.92
C ALA A 157 8.81 23.96 3.47
N ALA A 158 9.02 23.97 4.78
CA ALA A 158 9.72 25.06 5.45
C ALA A 158 11.15 25.20 4.97
N ALA A 159 11.82 24.08 4.73
CA ALA A 159 13.21 24.09 4.24
C ALA A 159 13.31 24.72 2.86
N MET A 160 12.40 24.31 1.98
CA MET A 160 12.38 24.82 0.60
C MET A 160 11.97 26.30 0.58
N ALA A 161 11.02 26.67 1.42
CA ALA A 161 10.55 28.04 1.49
C ALA A 161 11.68 28.94 1.99
N ALA A 162 12.28 28.57 3.11
CA ALA A 162 13.37 29.33 3.70
C ALA A 162 14.54 29.47 2.72
N SER A 163 14.87 28.37 2.07
CA SER A 163 15.97 28.37 1.12
C SER A 163 15.70 29.26 -0.10
N SER A 164 14.44 29.37 -0.50
CA SER A 164 14.09 30.19 -1.65
C SER A 164 14.44 31.66 -1.38
N ILE A 165 14.27 32.08 -0.13
CA ILE A 165 14.59 33.43 0.27
C ILE A 165 16.08 33.69 0.09
N VAL A 166 16.89 32.64 0.29
CA VAL A 166 18.34 32.76 0.15
C VAL A 166 18.78 32.88 -1.32
N PHE A 167 18.11 32.15 -2.21
CA PHE A 167 18.44 32.20 -3.63
C PHE A 167 17.69 33.26 -4.41
N ALA A 168 16.66 33.84 -3.79
CA ALA A 168 15.83 34.87 -4.40
C ALA A 168 16.52 35.82 -5.38
N ASP A 169 17.60 36.46 -4.92
CA ASP A 169 18.32 37.40 -5.75
C ASP A 169 19.30 36.73 -6.71
N ASP A 170 19.87 35.61 -6.27
CA ASP A 170 20.84 34.88 -7.08
C ASP A 170 20.23 34.12 -8.24
N ASP A 171 19.32 33.21 -7.93
CA ASP A 171 18.69 32.39 -8.93
C ASP A 171 17.17 32.43 -8.72
N PRO A 172 16.51 33.51 -9.15
CA PRO A 172 15.05 33.67 -8.97
C PRO A 172 14.24 32.55 -9.58
N ALA A 173 14.75 31.94 -10.64
CA ALA A 173 14.08 30.83 -11.30
C ALA A 173 14.06 29.62 -10.35
N TYR A 174 15.21 29.35 -9.73
CA TYR A 174 15.36 28.24 -8.79
C TYR A 174 14.51 28.52 -7.56
N ALA A 175 14.57 29.74 -7.06
CA ALA A 175 13.81 30.12 -5.88
C ALA A 175 12.32 29.91 -6.14
N ALA A 176 11.88 30.19 -7.36
CA ALA A 176 10.48 30.04 -7.73
C ALA A 176 10.07 28.57 -7.68
N THR A 177 10.96 27.71 -8.17
CA THR A 177 10.71 26.27 -8.16
C THR A 177 10.55 25.76 -6.73
N LEU A 178 11.42 26.22 -5.83
CA LEU A 178 11.37 25.82 -4.43
C LEU A 178 10.07 26.23 -3.76
N VAL A 179 9.65 27.47 -3.98
CA VAL A 179 8.40 27.99 -3.42
C VAL A 179 7.22 27.14 -3.88
N GLN A 180 7.15 26.88 -5.19
CA GLN A 180 6.10 26.08 -5.78
C GLN A 180 6.00 24.72 -5.08
N HIS A 181 7.16 24.09 -4.87
CA HIS A 181 7.22 22.80 -4.19
C HIS A 181 6.78 22.91 -2.73
N ALA A 182 7.23 23.95 -2.04
CA ALA A 182 6.89 24.15 -0.64
C ALA A 182 5.39 24.33 -0.43
N LYS A 183 4.73 24.99 -1.37
CA LYS A 183 3.29 25.21 -1.26
C LYS A 183 2.57 23.87 -1.33
N GLN A 184 2.94 23.07 -2.32
CA GLN A 184 2.33 21.75 -2.51
C GLN A 184 2.52 20.88 -1.28
N LEU A 185 3.76 20.81 -0.80
CA LEU A 185 4.10 20.01 0.37
C LEU A 185 3.32 20.44 1.61
N TYR A 186 3.16 21.75 1.79
CA TYR A 186 2.42 22.23 2.95
C TYR A 186 0.94 21.87 2.85
N THR A 187 0.37 21.99 1.67
CA THR A 187 -1.05 21.64 1.47
C THR A 187 -1.22 20.16 1.78
N PHE A 188 -0.27 19.34 1.33
CA PHE A 188 -0.29 17.90 1.58
C PHE A 188 -0.27 17.65 3.08
N ALA A 189 0.65 18.33 3.77
CA ALA A 189 0.80 18.21 5.21
C ALA A 189 -0.44 18.64 5.99
N ASP A 190 -1.06 19.73 5.54
CA ASP A 190 -2.24 20.27 6.19
C ASP A 190 -3.51 19.45 5.92
N THR A 191 -3.64 18.94 4.71
CA THR A 191 -4.79 18.15 4.31
C THR A 191 -4.81 16.72 4.85
N TYR A 192 -3.69 16.02 4.71
CA TYR A 192 -3.59 14.64 5.19
C TYR A 192 -2.79 14.59 6.47
N ARG A 193 -3.52 14.69 7.59
CA ARG A 193 -2.91 14.71 8.91
C ARG A 193 -2.37 13.35 9.34
N GLY A 194 -1.17 13.32 9.90
CA GLY A 194 -0.58 12.07 10.37
C GLY A 194 0.90 12.18 10.68
N VAL A 195 1.34 11.41 11.66
CA VAL A 195 2.75 11.37 12.08
C VAL A 195 3.51 10.42 11.15
N TYR A 196 4.54 10.92 10.48
CA TYR A 196 5.32 10.13 9.53
C TYR A 196 5.93 8.83 10.05
N SER A 197 6.31 8.81 11.33
CA SER A 197 6.92 7.62 11.93
C SER A 197 5.92 6.47 12.05
N ASP A 198 4.65 6.74 11.77
CA ASP A 198 3.63 5.70 11.81
C ASP A 198 3.62 5.00 10.46
N CYS A 199 4.26 5.62 9.48
CA CYS A 199 4.31 5.10 8.12
C CYS A 199 5.65 4.58 7.65
N VAL A 200 6.74 5.19 8.13
CA VAL A 200 8.06 4.73 7.74
C VAL A 200 8.82 4.25 8.95
N PRO A 201 9.72 3.26 8.76
CA PRO A 201 10.47 2.66 9.86
C PRO A 201 11.60 3.55 10.38
N ALA A 202 11.21 4.71 10.92
CA ALA A 202 12.18 5.67 11.45
C ALA A 202 11.99 5.87 12.95
N GLY A 203 10.98 5.22 13.51
CA GLY A 203 10.69 5.36 14.93
C GLY A 203 11.82 5.13 15.90
N ALA A 204 12.67 4.16 15.61
CA ALA A 204 13.79 3.84 16.49
C ALA A 204 14.93 4.84 16.38
N PHE A 205 14.83 5.75 15.42
CA PHE A 205 15.91 6.71 15.20
C PHE A 205 15.45 8.16 15.31
N TYR A 206 14.43 8.50 14.52
CA TYR A 206 13.88 9.85 14.52
C TYR A 206 12.35 9.83 14.66
N ASN A 207 11.88 9.29 15.77
CA ASN A 207 10.47 9.21 16.06
C ASN A 207 9.89 10.60 16.22
N SER A 208 8.64 10.78 15.79
CA SER A 208 7.98 12.07 15.91
C SER A 208 7.40 12.18 17.32
N TRP A 209 8.25 12.56 18.28
CA TRP A 209 7.84 12.69 19.68
C TRP A 209 6.81 13.77 19.96
N SER A 210 7.01 14.94 19.37
CA SER A 210 6.13 16.09 19.58
C SER A 210 4.90 16.11 18.70
N GLY A 211 4.89 15.30 17.65
CA GLY A 211 3.76 15.29 16.74
C GLY A 211 4.00 16.33 15.66
N TYR A 212 2.96 16.66 14.89
CA TYR A 212 3.09 17.62 13.81
C TYR A 212 2.56 19.02 14.04
N GLN A 213 1.91 19.26 15.18
CA GLN A 213 1.34 20.58 15.41
C GLN A 213 2.37 21.71 15.28
N ASP A 214 3.55 21.50 15.84
CA ASP A 214 4.61 22.50 15.78
C ASP A 214 5.10 22.76 14.35
N GLU A 215 5.13 21.72 13.51
CA GLU A 215 5.56 21.87 12.12
C GLU A 215 4.55 22.65 11.26
N LEU A 216 3.29 22.63 11.63
CA LEU A 216 2.26 23.35 10.88
C LEU A 216 2.43 24.85 11.08
N VAL A 217 2.79 25.25 12.29
CA VAL A 217 3.01 26.65 12.61
C VAL A 217 4.32 27.10 11.96
N TRP A 218 5.34 26.26 12.11
CA TRP A 218 6.68 26.49 11.56
C TRP A 218 6.62 26.60 10.04
N GLY A 219 5.97 25.63 9.40
CA GLY A 219 5.85 25.63 7.95
C GLY A 219 5.09 26.85 7.42
N ALA A 220 3.97 27.17 8.08
CA ALA A 220 3.12 28.30 7.68
C ALA A 220 3.91 29.60 7.75
N TYR A 221 4.66 29.80 8.83
CA TYR A 221 5.47 31.00 8.99
C TYR A 221 6.48 31.17 7.84
N TRP A 222 7.24 30.11 7.57
CA TRP A 222 8.25 30.19 6.51
C TRP A 222 7.66 30.42 5.13
N LEU A 223 6.52 29.81 4.84
CA LEU A 223 5.86 30.03 3.54
C LEU A 223 5.41 31.49 3.48
N TYR A 224 4.99 32.05 4.61
CA TYR A 224 4.58 33.45 4.66
C TYR A 224 5.75 34.33 4.26
N LYS A 225 6.92 34.05 4.83
CA LYS A 225 8.12 34.83 4.55
C LYS A 225 8.58 34.68 3.10
N ALA A 226 8.41 33.50 2.54
CA ALA A 226 8.82 33.25 1.16
C ALA A 226 7.86 33.78 0.10
N THR A 227 6.57 33.85 0.44
CA THR A 227 5.56 34.30 -0.51
C THR A 227 5.07 35.73 -0.27
N GLY A 228 4.91 36.08 0.99
CA GLY A 228 4.40 37.40 1.34
C GLY A 228 2.89 37.30 1.41
N ASP A 229 2.39 36.06 1.34
CA ASP A 229 0.97 35.79 1.40
C ASP A 229 0.48 35.81 2.85
N ASP A 230 -0.26 36.86 3.19
CA ASP A 230 -0.81 37.06 4.53
C ASP A 230 -1.57 35.86 5.08
N SER A 231 -2.24 35.11 4.21
CA SER A 231 -3.01 33.96 4.66
C SER A 231 -2.15 32.98 5.45
N TYR A 232 -0.88 32.84 5.06
CA TYR A 232 0.05 31.93 5.75
C TYR A 232 0.32 32.40 7.17
N LEU A 233 0.58 33.70 7.33
CA LEU A 233 0.83 34.26 8.66
C LEU A 233 -0.42 34.02 9.51
N ALA A 234 -1.58 34.20 8.89
CA ALA A 234 -2.85 33.98 9.55
C ALA A 234 -2.95 32.52 9.99
N LYS A 235 -2.54 31.62 9.09
CA LYS A 235 -2.55 30.18 9.36
C LYS A 235 -1.67 29.84 10.55
N ALA A 236 -0.48 30.44 10.57
CA ALA A 236 0.50 30.23 11.63
C ALA A 236 -0.06 30.67 12.99
N GLU A 237 -0.57 31.90 13.05
CA GLU A 237 -1.11 32.43 14.30
C GLU A 237 -2.30 31.65 14.81
N TYR A 238 -3.07 31.05 13.90
CA TYR A 238 -4.22 30.26 14.28
C TYR A 238 -3.76 28.95 14.93
N GLU A 239 -2.88 28.23 14.24
CA GLU A 239 -2.35 26.96 14.71
C GLU A 239 -1.54 27.06 15.99
N TYR A 240 -0.96 28.23 16.23
CA TYR A 240 -0.14 28.48 17.41
C TYR A 240 -0.85 28.16 18.74
N ASP A 241 -2.15 28.37 18.80
CA ASP A 241 -2.91 28.11 20.02
C ASP A 241 -3.07 26.64 20.39
N PHE A 242 -2.72 25.77 19.45
CA PHE A 242 -2.84 24.33 19.69
C PHE A 242 -1.50 23.71 20.06
N LEU A 243 -0.51 24.54 20.35
CA LEU A 243 0.81 24.05 20.71
C LEU A 243 0.77 23.45 22.11
N SER A 244 1.66 22.51 22.36
CA SER A 244 1.73 21.82 23.63
C SER A 244 1.95 22.72 24.84
N THR A 245 1.16 22.46 25.88
CA THR A 245 1.27 23.19 27.13
C THR A 245 2.14 22.30 27.99
N GLU A 246 2.44 22.73 29.22
CA GLU A 246 3.28 21.91 30.06
C GLU A 246 2.63 21.33 31.29
N GLN A 247 2.78 20.01 31.43
CA GLN A 247 2.26 19.23 32.55
C GLN A 247 0.87 19.52 33.10
N GLN A 248 0.75 20.49 34.00
CA GLN A 248 -0.54 20.80 34.60
C GLN A 248 -1.05 22.21 34.31
N THR A 249 -0.16 23.09 33.90
CA THR A 249 -0.54 24.47 33.61
C THR A 249 -0.90 24.67 32.14
N ASP A 250 -1.45 25.83 31.84
CA ASP A 250 -1.81 26.17 30.47
C ASP A 250 -0.69 27.01 29.84
N LEU A 251 0.51 26.84 30.37
CA LEU A 251 1.69 27.54 29.89
C LEU A 251 2.31 26.67 28.81
N ARG A 252 2.58 27.25 27.65
CA ARG A 252 3.19 26.50 26.55
C ARG A 252 4.60 26.03 26.94
N SER A 253 4.95 24.84 26.47
CA SER A 253 6.24 24.21 26.73
C SER A 253 7.43 25.18 26.74
N TYR A 254 8.24 25.11 27.80
CA TYR A 254 9.40 25.97 27.94
C TYR A 254 10.63 25.27 28.51
N ARG A 255 10.54 23.96 28.78
CA ARG A 255 11.66 23.22 29.35
C ARG A 255 12.58 22.42 28.43
N TRP A 256 12.34 22.47 27.13
CA TRP A 256 13.21 21.76 26.20
C TRP A 256 13.81 22.88 25.34
N THR A 257 14.04 22.62 24.06
CA THR A 257 14.57 23.61 23.15
C THR A 257 14.27 23.16 21.72
N ILE A 258 14.56 24.02 20.75
CA ILE A 258 14.30 23.68 19.36
C ILE A 258 15.35 22.69 18.85
N ALA A 259 14.88 21.70 18.11
CA ALA A 259 15.72 20.68 17.52
C ALA A 259 14.94 20.03 16.39
N TRP A 260 15.50 19.01 15.76
CA TRP A 260 14.85 18.33 14.63
C TRP A 260 13.40 17.91 14.85
N ASP A 261 12.99 17.74 16.09
CA ASP A 261 11.63 17.27 16.39
C ASP A 261 10.62 18.33 16.80
N ASP A 262 11.03 19.25 17.66
CA ASP A 262 10.14 20.28 18.17
C ASP A 262 10.52 21.68 17.73
N LYS A 263 9.66 22.31 16.95
CA LYS A 263 9.90 23.66 16.46
C LYS A 263 9.13 24.74 17.19
N SER A 264 8.38 24.36 18.22
CA SER A 264 7.58 25.30 19.02
C SER A 264 8.39 26.52 19.42
N TYR A 265 9.54 26.26 20.03
CA TYR A 265 10.43 27.27 20.54
C TYR A 265 10.87 28.28 19.48
N GLY A 266 11.10 27.81 18.26
CA GLY A 266 11.49 28.71 17.19
C GLY A 266 10.35 29.65 16.83
N THR A 267 9.13 29.12 16.82
CA THR A 267 7.96 29.92 16.48
C THR A 267 7.66 30.99 17.53
N TYR A 268 8.00 30.72 18.79
CA TYR A 268 7.79 31.69 19.85
C TYR A 268 8.51 32.98 19.43
N VAL A 269 9.81 32.83 19.17
CA VAL A 269 10.67 33.93 18.78
C VAL A 269 10.34 34.53 17.42
N LEU A 270 10.11 33.68 16.43
CA LEU A 270 9.79 34.16 15.08
C LEU A 270 8.50 34.97 15.03
N LEU A 271 7.46 34.50 15.70
CA LEU A 271 6.21 35.24 15.71
C LEU A 271 6.33 36.52 16.52
N ALA A 272 7.08 36.47 17.62
CA ALA A 272 7.29 37.66 18.45
C ALA A 272 8.01 38.71 17.63
N LYS A 273 8.97 38.26 16.83
CA LYS A 273 9.76 39.12 15.96
C LYS A 273 8.87 39.73 14.88
N GLU A 274 8.00 38.91 14.31
CA GLU A 274 7.12 39.34 13.23
C GLU A 274 5.96 40.25 13.64
N THR A 275 5.17 39.79 14.60
CA THR A 275 4.01 40.54 15.07
C THR A 275 4.28 41.52 16.21
N GLY A 276 5.12 41.12 17.15
CA GLY A 276 5.42 41.97 18.28
C GLY A 276 4.42 41.76 19.40
N LYS A 277 3.51 40.81 19.22
CA LYS A 277 2.49 40.52 20.22
C LYS A 277 3.05 39.98 21.52
N GLN A 278 2.54 40.51 22.63
CA GLN A 278 2.96 40.12 23.97
C GLN A 278 2.87 38.61 24.17
N LYS A 279 1.86 38.02 23.55
CA LYS A 279 1.59 36.59 23.60
C LYS A 279 2.84 35.75 23.33
N TYR A 280 3.54 36.06 22.24
CA TYR A 280 4.74 35.34 21.84
C TYR A 280 5.92 35.74 22.72
N ILE A 281 6.00 37.01 23.07
CA ILE A 281 7.06 37.54 23.93
C ILE A 281 7.06 36.83 25.28
N ASP A 282 5.88 36.58 25.83
CA ASP A 282 5.79 35.89 27.12
C ASP A 282 6.35 34.47 27.02
N ASP A 283 5.96 33.76 25.97
CA ASP A 283 6.40 32.39 25.75
C ASP A 283 7.91 32.33 25.53
N ALA A 284 8.41 33.12 24.59
CA ALA A 284 9.83 33.16 24.29
C ALA A 284 10.64 33.53 25.53
N ASN A 285 10.15 34.51 26.30
CA ASN A 285 10.83 34.97 27.52
C ASN A 285 10.92 33.86 28.56
N ARG A 286 9.81 33.15 28.76
CA ARG A 286 9.76 32.07 29.74
C ARG A 286 10.77 30.98 29.40
N TRP A 287 10.80 30.59 28.14
CA TRP A 287 11.71 29.56 27.64
C TRP A 287 13.17 29.94 27.84
N LEU A 288 13.56 31.10 27.31
CA LEU A 288 14.95 31.55 27.43
C LEU A 288 15.35 31.84 28.86
N ASP A 289 14.38 32.21 29.70
CA ASP A 289 14.69 32.45 31.10
C ASP A 289 15.04 31.13 31.77
N TYR A 290 14.31 30.08 31.43
CA TYR A 290 14.55 28.74 31.99
C TYR A 290 15.98 28.28 31.68
N TRP A 291 16.47 28.65 30.51
CA TRP A 291 17.83 28.29 30.12
C TRP A 291 18.90 29.19 30.72
N THR A 292 18.48 30.27 31.36
CA THR A 292 19.42 31.22 31.96
C THR A 292 19.29 31.43 33.47
N VAL A 293 18.30 32.20 33.88
CA VAL A 293 18.08 32.49 35.30
C VAL A 293 17.12 31.53 35.97
N GLY A 294 16.35 30.80 35.17
CA GLY A 294 15.39 29.85 35.70
C GLY A 294 14.02 30.48 35.90
N VAL A 295 12.98 29.65 35.97
CA VAL A 295 11.63 30.13 36.17
C VAL A 295 10.98 29.29 37.26
N ASN A 296 10.52 29.97 38.31
CA ASN A 296 9.87 29.28 39.42
C ASN A 296 10.84 28.31 40.11
N GLY A 297 12.09 28.72 40.25
CA GLY A 297 13.06 27.85 40.90
C GLY A 297 13.60 26.71 40.05
N GLN A 298 13.09 26.56 38.84
CA GLN A 298 13.56 25.50 37.95
C GLN A 298 14.44 26.10 36.86
N ARG A 299 15.52 25.41 36.53
CA ARG A 299 16.47 25.89 35.54
C ARG A 299 17.17 24.70 34.87
N VAL A 300 17.55 24.87 33.61
CA VAL A 300 18.24 23.79 32.88
C VAL A 300 19.53 23.48 33.64
N PRO A 301 19.90 22.18 33.75
CA PRO A 301 21.13 21.83 34.46
C PRO A 301 22.35 22.50 33.86
N TYR A 302 23.24 23.00 34.72
CA TYR A 302 24.48 23.64 34.30
C TYR A 302 25.65 22.93 34.93
N SER A 303 26.73 22.75 34.18
CA SER A 303 27.92 22.10 34.73
C SER A 303 28.72 23.19 35.45
N PRO A 304 29.65 22.81 36.34
CA PRO A 304 30.50 23.80 36.99
C PRO A 304 31.27 24.62 35.95
N GLY A 305 31.57 23.99 34.82
CA GLY A 305 32.30 24.68 33.75
C GLY A 305 31.46 25.72 33.02
N GLY A 306 30.16 25.73 33.25
CA GLY A 306 29.29 26.71 32.62
C GLY A 306 28.50 26.23 31.42
N MET A 307 28.47 24.91 31.20
CA MET A 307 27.73 24.36 30.07
C MET A 307 26.30 24.06 30.45
N ALA A 308 25.37 24.37 29.56
CA ALA A 308 23.95 24.08 29.77
C ALA A 308 23.73 22.67 29.22
N VAL A 309 23.43 21.72 30.10
CA VAL A 309 23.23 20.33 29.69
C VAL A 309 21.77 19.93 29.74
N LEU A 310 21.11 19.94 28.59
CA LEU A 310 19.71 19.58 28.49
C LEU A 310 19.43 18.09 28.60
N ASP A 311 20.24 17.26 27.94
CA ASP A 311 20.07 15.81 27.95
C ASP A 311 21.39 15.12 27.61
N THR A 312 21.43 13.79 27.67
CA THR A 312 22.65 13.02 27.38
C THR A 312 23.08 13.00 25.92
N TRP A 313 22.11 13.05 25.01
CA TRP A 313 22.39 12.98 23.59
C TRP A 313 22.56 14.32 22.93
N GLY A 314 23.67 14.48 22.20
CA GLY A 314 23.94 15.72 21.50
C GLY A 314 23.77 16.93 22.41
N ALA A 315 24.33 16.84 23.61
CA ALA A 315 24.23 17.92 24.59
C ALA A 315 24.61 19.26 23.99
N LEU A 316 25.76 19.33 23.34
CA LEU A 316 26.23 20.58 22.73
C LEU A 316 25.34 21.06 21.60
N ARG A 317 24.73 20.12 20.87
CA ARG A 317 23.82 20.47 19.79
C ARG A 317 22.63 21.26 20.36
N TYR A 318 22.11 20.83 21.51
CA TYR A 318 20.97 21.50 22.14
C TYR A 318 21.36 22.90 22.62
N ALA A 319 22.52 22.99 23.27
CA ALA A 319 23.01 24.28 23.76
C ALA A 319 23.24 25.22 22.58
N ALA A 320 23.84 24.70 21.52
CA ALA A 320 24.11 25.52 20.33
C ALA A 320 22.82 25.98 19.64
N ASN A 321 21.80 25.11 19.62
CA ASN A 321 20.50 25.45 19.01
C ASN A 321 19.91 26.63 19.77
N THR A 322 19.92 26.52 21.09
CA THR A 322 19.39 27.56 21.95
C THR A 322 20.19 28.86 21.81
N ALA A 323 21.51 28.75 21.70
CA ALA A 323 22.37 29.91 21.55
C ALA A 323 22.04 30.72 20.31
N PHE A 324 21.77 30.03 19.21
CA PHE A 324 21.42 30.72 17.97
C PHE A 324 20.13 31.51 18.13
N VAL A 325 19.08 30.84 18.61
CA VAL A 325 17.80 31.51 18.79
C VAL A 325 17.88 32.66 19.79
N ALA A 326 18.68 32.50 20.85
CA ALA A 326 18.85 33.55 21.86
C ALA A 326 19.46 34.78 21.20
N LEU A 327 20.38 34.54 20.27
CA LEU A 327 21.04 35.64 19.54
C LEU A 327 20.03 36.39 18.68
N VAL A 328 19.12 35.67 18.04
CA VAL A 328 18.10 36.27 17.18
C VAL A 328 17.13 37.08 18.04
N TYR A 329 16.69 36.48 19.13
CA TYR A 329 15.74 37.13 20.02
C TYR A 329 16.33 38.37 20.67
N ALA A 330 17.57 38.27 21.12
CA ALA A 330 18.26 39.38 21.77
C ALA A 330 18.21 40.67 20.95
N LYS A 331 18.12 40.52 19.63
CA LYS A 331 18.06 41.68 18.75
C LYS A 331 16.70 42.35 18.69
N VAL A 332 15.62 41.57 18.83
CA VAL A 332 14.27 42.12 18.76
C VAL A 332 13.75 42.64 20.09
N ILE A 333 14.14 42.01 21.19
CA ILE A 333 13.67 42.44 22.49
C ILE A 333 14.27 43.80 22.90
N ASP A 334 13.46 44.64 23.54
CA ASP A 334 13.91 45.96 23.97
C ASP A 334 14.54 45.98 25.35
N ASP A 335 14.09 45.08 26.23
CA ASP A 335 14.59 45.00 27.59
C ASP A 335 16.11 44.83 27.63
N PRO A 336 16.84 45.85 28.11
CA PRO A 336 18.30 45.86 28.20
C PRO A 336 18.87 44.70 28.99
N VAL A 337 18.22 44.38 30.11
CA VAL A 337 18.65 43.28 30.95
C VAL A 337 18.47 41.94 30.24
N ARG A 338 17.29 41.72 29.66
CA ARG A 338 17.01 40.47 28.95
C ARG A 338 17.91 40.33 27.72
N LYS A 339 18.12 41.44 27.01
CA LYS A 339 18.96 41.45 25.82
C LYS A 339 20.38 41.00 26.18
N GLN A 340 20.92 41.54 27.28
CA GLN A 340 22.26 41.20 27.73
C GLN A 340 22.32 39.73 28.13
N ARG A 341 21.39 39.34 29.00
CA ARG A 341 21.28 37.96 29.49
C ARG A 341 21.31 36.93 28.36
N TYR A 342 20.37 37.03 27.44
CA TYR A 342 20.26 36.10 26.33
C TYR A 342 21.49 36.12 25.44
N HIS A 343 21.93 37.32 25.05
CA HIS A 343 23.11 37.43 24.20
C HIS A 343 24.37 36.83 24.83
N ASP A 344 24.64 37.19 26.09
CA ASP A 344 25.82 36.69 26.79
C ASP A 344 25.78 35.18 27.00
N PHE A 345 24.58 34.65 27.18
CA PHE A 345 24.38 33.22 27.35
C PHE A 345 24.82 32.50 26.07
N ALA A 346 24.37 33.01 24.93
CA ALA A 346 24.70 32.44 23.63
C ALA A 346 26.19 32.41 23.38
N VAL A 347 26.86 33.53 23.63
CA VAL A 347 28.30 33.62 23.41
C VAL A 347 29.06 32.62 24.31
N ARG A 348 28.62 32.51 25.56
CA ARG A 348 29.24 31.59 26.50
C ARG A 348 29.09 30.14 26.05
N GLN A 349 27.91 29.75 25.59
CA GLN A 349 27.69 28.37 25.16
C GLN A 349 28.51 28.00 23.93
N ILE A 350 28.57 28.92 22.96
CA ILE A 350 29.34 28.66 21.75
C ILE A 350 30.82 28.66 22.07
N ASN A 351 31.25 29.56 22.95
CA ASN A 351 32.66 29.62 23.33
C ASN A 351 33.08 28.35 24.06
N TYR A 352 32.15 27.78 24.83
CA TYR A 352 32.43 26.54 25.55
C TYR A 352 32.76 25.45 24.53
N ALA A 353 31.96 25.38 23.47
CA ALA A 353 32.16 24.39 22.41
C ALA A 353 33.46 24.62 21.64
N LEU A 354 33.91 25.87 21.54
CA LEU A 354 35.14 26.15 20.83
C LEU A 354 36.42 26.01 21.66
N GLY A 355 36.28 25.77 22.97
CA GLY A 355 37.47 25.59 23.77
C GLY A 355 37.50 26.25 25.14
N ASP A 356 36.57 27.16 25.39
CA ASP A 356 36.51 27.85 26.67
C ASP A 356 35.77 26.98 27.67
N ASN A 357 36.44 25.93 28.14
CA ASN A 357 35.84 25.00 29.09
C ASN A 357 36.92 24.49 30.03
N PRO A 358 36.57 23.67 31.04
CA PRO A 358 37.58 23.18 31.99
C PRO A 358 38.67 22.33 31.34
N ARG A 359 38.37 21.75 30.19
CA ARG A 359 39.34 20.92 29.50
C ARG A 359 40.21 21.75 28.56
N ASN A 360 39.78 22.99 28.32
CA ASN A 360 40.52 23.87 27.44
C ASN A 360 40.65 23.27 26.04
N SER A 361 39.68 22.42 25.68
CA SER A 361 39.71 21.76 24.38
C SER A 361 38.49 22.02 23.52
N SER A 362 38.72 22.09 22.23
CA SER A 362 37.67 22.30 21.24
C SER A 362 36.83 21.04 21.11
N TYR A 363 35.56 21.23 20.80
CA TYR A 363 34.63 20.12 20.60
C TYR A 363 34.24 20.06 19.13
N VAL A 364 35.01 20.75 18.30
CA VAL A 364 34.81 20.80 16.87
C VAL A 364 36.01 20.10 16.23
N VAL A 365 35.75 19.01 15.51
CA VAL A 365 36.81 18.25 14.89
C VAL A 365 37.63 19.13 13.93
N GLY A 366 38.95 19.01 14.04
CA GLY A 366 39.86 19.76 13.20
C GLY A 366 39.94 21.26 13.47
N PHE A 367 39.47 21.70 14.64
CA PHE A 367 39.50 23.12 14.99
C PHE A 367 40.00 23.35 16.40
N GLY A 368 40.74 24.45 16.57
CA GLY A 368 41.23 24.85 17.88
C GLY A 368 42.20 23.93 18.58
N ASN A 369 42.25 24.07 19.90
CA ASN A 369 43.14 23.29 20.73
C ASN A 369 42.62 21.93 21.17
N ASN A 370 43.45 20.90 21.01
CA ASN A 370 43.11 19.54 21.42
C ASN A 370 41.70 19.10 21.02
N PRO A 371 41.36 19.19 19.73
CA PRO A 371 40.04 18.77 19.24
C PRO A 371 39.87 17.26 19.21
N PRO A 372 38.63 16.78 19.09
CA PRO A 372 38.43 15.34 18.99
C PRO A 372 39.08 14.83 17.70
N ARG A 373 39.65 13.63 17.75
CA ARG A 373 40.31 13.05 16.58
C ARG A 373 39.57 11.84 16.06
N ASN A 374 38.75 11.22 16.93
CA ASN A 374 38.02 10.02 16.55
C ASN A 374 36.50 10.08 16.66
N PRO A 375 35.84 10.97 15.93
CA PRO A 375 34.39 10.97 15.97
C PRO A 375 33.81 9.66 15.42
N HIS A 376 32.63 9.29 15.92
CA HIS A 376 31.92 8.08 15.53
C HIS A 376 31.39 8.30 14.10
N HIS A 377 32.27 8.12 13.12
CA HIS A 377 31.90 8.33 11.73
C HIS A 377 32.56 7.25 10.89
N ARG A 378 31.75 6.49 10.15
CA ARG A 378 32.24 5.38 9.32
C ARG A 378 33.28 5.74 8.25
N THR A 379 32.93 6.68 7.37
CA THR A 379 33.81 7.07 6.28
C THR A 379 35.07 7.82 6.77
N ALA A 380 34.94 8.64 7.80
CA ALA A 380 36.09 9.37 8.32
C ALA A 380 37.07 8.36 8.93
N HIS A 381 36.53 7.34 9.59
CA HIS A 381 37.36 6.31 10.19
C HIS A 381 38.15 5.60 9.11
N GLY A 382 37.46 5.11 8.07
CA GLY A 382 38.13 4.43 6.98
C GLY A 382 38.52 2.98 7.24
N SER A 383 37.72 2.27 8.00
CA SER A 383 38.00 0.87 8.31
C SER A 383 37.85 0.02 7.06
N TRP A 384 38.68 -1.01 6.95
CA TRP A 384 38.63 -1.90 5.80
C TRP A 384 38.34 -3.34 6.26
N THR A 385 38.12 -3.51 7.56
CA THR A 385 37.85 -4.82 8.13
C THR A 385 36.49 -4.95 8.80
N ASP A 386 35.59 -4.01 8.54
CA ASP A 386 34.26 -4.01 9.12
C ASP A 386 34.38 -3.98 10.65
N SER A 387 35.29 -3.17 11.15
CA SER A 387 35.50 -3.06 12.59
C SER A 387 35.66 -1.62 13.03
N ILE A 388 34.89 -1.22 14.04
CA ILE A 388 34.95 0.13 14.56
C ILE A 388 36.22 0.34 15.36
N ALA A 389 36.92 -0.75 15.66
CA ALA A 389 38.14 -0.68 16.46
C ALA A 389 39.44 -0.56 15.69
N SER A 390 39.42 -0.90 14.40
CA SER A 390 40.64 -0.83 13.58
C SER A 390 40.41 -0.06 12.28
N PRO A 391 41.32 0.85 11.93
CA PRO A 391 42.53 1.21 12.69
C PRO A 391 42.22 2.01 13.95
N ALA A 392 43.19 2.11 14.86
CA ALA A 392 43.03 2.85 16.10
C ALA A 392 42.53 4.28 15.95
N GLU A 393 43.14 5.03 15.04
CA GLU A 393 42.76 6.42 14.80
C GLU A 393 42.00 6.55 13.50
N ASN A 394 41.10 7.53 13.44
CA ASN A 394 40.35 7.78 12.21
C ASN A 394 41.37 8.16 11.12
N ARG A 395 41.18 7.67 9.90
CA ARG A 395 42.13 7.97 8.82
C ARG A 395 41.95 9.33 8.17
N HIS A 396 40.81 9.97 8.39
CA HIS A 396 40.54 11.27 7.80
C HIS A 396 40.12 12.26 8.87
N VAL A 397 40.36 13.55 8.63
CA VAL A 397 39.97 14.57 9.59
C VAL A 397 38.64 15.14 9.12
N LEU A 398 37.58 14.89 9.88
CA LEU A 398 36.25 15.38 9.54
C LEU A 398 36.13 16.84 10.01
N TYR A 399 36.85 17.74 9.35
CA TYR A 399 36.83 19.17 9.71
C TYR A 399 35.45 19.76 9.94
N GLY A 400 35.34 20.55 10.99
CA GLY A 400 34.10 21.23 11.30
C GLY A 400 32.97 20.53 12.02
N ALA A 401 33.06 19.22 12.21
CA ALA A 401 31.99 18.51 12.88
C ALA A 401 31.94 18.72 14.40
N LEU A 402 30.79 19.14 14.90
CA LEU A 402 30.59 19.35 16.34
C LEU A 402 30.16 18.02 16.94
N VAL A 403 30.87 17.56 17.96
CA VAL A 403 30.54 16.28 18.60
C VAL A 403 29.46 16.44 19.67
N GLY A 404 28.95 15.32 20.16
CA GLY A 404 27.93 15.36 21.19
C GLY A 404 28.42 16.09 22.42
N GLY A 405 29.65 15.81 22.83
CA GLY A 405 30.22 16.45 24.00
C GLY A 405 29.79 15.82 25.30
N PRO A 406 30.07 16.45 26.44
CA PRO A 406 29.69 15.98 27.78
C PRO A 406 28.18 15.72 27.89
N GLY A 407 27.81 14.51 28.26
CA GLY A 407 26.40 14.17 28.38
C GLY A 407 25.84 14.39 29.77
N SER A 408 26.67 14.82 30.70
CA SER A 408 26.27 15.08 32.08
C SER A 408 26.84 16.42 32.50
N PRO A 409 26.18 17.12 33.46
CA PRO A 409 26.68 18.41 33.90
C PRO A 409 27.95 18.35 34.76
N ASN A 410 29.01 17.73 34.22
CA ASN A 410 30.26 17.62 34.94
C ASN A 410 31.48 17.89 34.06
N ASP A 411 31.24 18.35 32.85
CA ASP A 411 32.30 18.69 31.90
C ASP A 411 33.24 17.55 31.53
N ALA A 412 32.87 16.32 31.86
CA ALA A 412 33.71 15.16 31.55
C ALA A 412 33.52 14.69 30.12
N TYR A 413 34.61 14.28 29.48
CA TYR A 413 34.56 13.82 28.09
C TYR A 413 35.80 13.01 27.73
N THR A 414 35.61 11.99 26.90
CA THR A 414 36.71 11.16 26.44
C THR A 414 36.55 10.97 24.94
N ASP A 415 37.59 11.34 24.20
CA ASP A 415 37.59 11.22 22.76
C ASP A 415 37.70 9.72 22.44
N ASP A 416 36.55 9.08 22.28
CA ASP A 416 36.51 7.64 22.00
C ASP A 416 35.45 7.40 20.94
N ARG A 417 35.89 6.95 19.76
CA ARG A 417 35.00 6.67 18.64
C ARG A 417 33.85 5.71 18.98
N GLN A 418 34.10 4.82 19.94
CA GLN A 418 33.10 3.85 20.33
C GLN A 418 32.05 4.39 21.28
N ASP A 419 32.20 5.65 21.66
CA ASP A 419 31.26 6.31 22.55
C ASP A 419 30.33 7.11 21.66
N TYR A 420 29.17 6.55 21.34
CA TYR A 420 28.20 7.24 20.48
C TYR A 420 27.50 8.39 21.19
N VAL A 421 27.76 8.55 22.49
CA VAL A 421 27.19 9.64 23.26
C VAL A 421 28.05 10.90 23.05
N ALA A 422 29.29 10.83 23.52
CA ALA A 422 30.24 11.94 23.41
C ALA A 422 30.78 12.22 22.01
N ASN A 423 31.02 11.16 21.23
CA ASN A 423 31.59 11.33 19.89
C ASN A 423 30.70 11.20 18.67
N GLU A 424 29.39 11.23 18.86
CA GLU A 424 28.47 11.17 17.75
C GLU A 424 28.50 12.51 17.00
N VAL A 425 28.31 12.47 15.69
CA VAL A 425 28.28 13.66 14.83
C VAL A 425 27.01 13.53 13.99
N ALA A 426 26.48 14.64 13.50
CA ALA A 426 25.25 14.60 12.69
C ALA A 426 24.98 15.92 11.99
N THR A 427 24.20 15.87 10.93
CA THR A 427 23.89 17.08 10.19
C THR A 427 23.15 18.10 11.05
N ASP A 428 22.25 17.63 11.91
CA ASP A 428 21.49 18.55 12.76
C ASP A 428 22.36 19.12 13.88
N TYR A 429 23.45 18.44 14.22
CA TYR A 429 24.35 18.92 15.29
C TYR A 429 25.00 20.25 14.91
N ASN A 430 25.31 20.38 13.63
CA ASN A 430 25.95 21.59 13.10
C ASN A 430 24.98 22.66 12.60
N ALA A 431 23.68 22.36 12.57
CA ALA A 431 22.71 23.32 12.08
C ALA A 431 22.60 24.62 12.88
N GLY A 432 22.18 24.53 14.13
CA GLY A 432 22.06 25.73 14.95
C GLY A 432 23.43 26.34 15.21
N PHE A 433 24.40 25.46 15.38
CA PHE A 433 25.80 25.84 15.61
C PHE A 433 26.32 26.76 14.50
N SER A 434 26.07 26.40 13.24
CA SER A 434 26.51 27.19 12.10
C SER A 434 25.83 28.56 12.07
N SER A 435 24.53 28.57 12.28
CA SER A 435 23.77 29.81 12.30
C SER A 435 24.27 30.74 13.39
N ALA A 436 24.62 30.18 14.54
CA ALA A 436 25.14 30.97 15.64
C ALA A 436 26.48 31.57 15.24
N LEU A 437 27.34 30.74 14.64
CA LEU A 437 28.64 31.20 14.18
C LEU A 437 28.54 32.38 13.22
N ALA A 438 27.56 32.35 12.33
CA ALA A 438 27.39 33.43 11.36
C ALA A 438 27.02 34.74 12.09
N MET A 439 26.22 34.63 13.14
CA MET A 439 25.83 35.80 13.90
C MET A 439 27.06 36.38 14.60
N LEU A 440 27.88 35.48 15.15
CA LEU A 440 29.08 35.88 15.88
C LEU A 440 30.16 36.45 14.98
N VAL A 441 30.26 35.96 13.75
CA VAL A 441 31.25 36.48 12.82
C VAL A 441 30.89 37.93 12.52
N GLU A 442 29.61 38.18 12.28
CA GLU A 442 29.14 39.53 11.98
C GLU A 442 29.46 40.50 13.11
N GLU A 443 29.35 40.04 14.34
CA GLU A 443 29.60 40.89 15.48
C GLU A 443 31.07 41.01 15.90
N TYR A 444 31.74 39.88 16.08
CA TYR A 444 33.13 39.87 16.51
C TYR A 444 34.16 39.70 15.40
N GLY A 445 33.73 39.19 14.26
CA GLY A 445 34.63 38.99 13.14
C GLY A 445 35.47 37.74 13.22
N GLY A 446 36.54 37.73 12.43
CA GLY A 446 37.46 36.61 12.38
C GLY A 446 37.86 36.46 10.92
N THR A 447 38.91 35.70 10.65
CA THR A 447 39.36 35.51 9.28
C THR A 447 39.48 34.03 8.91
N PRO A 448 38.94 33.65 7.74
CA PRO A 448 39.04 32.27 7.28
C PRO A 448 40.47 31.94 6.83
N LEU A 449 40.81 30.65 6.79
CA LEU A 449 42.14 30.23 6.37
C LEU A 449 42.21 30.32 4.85
N ALA A 450 43.27 30.96 4.35
CA ALA A 450 43.46 31.13 2.91
C ALA A 450 43.54 29.80 2.20
N ASP A 451 44.32 28.86 2.73
CA ASP A 451 44.43 27.56 2.10
C ASP A 451 43.79 26.44 2.92
N PHE A 452 42.51 26.23 2.67
CA PHE A 452 41.72 25.21 3.34
C PHE A 452 40.80 24.71 2.22
N PRO A 453 40.57 23.38 2.14
CA PRO A 453 41.04 22.27 2.98
C PRO A 453 42.47 21.83 2.66
N PRO A 454 43.14 21.23 3.64
CA PRO A 454 44.46 20.64 3.36
C PRO A 454 44.25 19.41 2.49
N THR A 455 45.26 19.06 1.70
CA THR A 455 45.16 17.89 0.85
C THR A 455 45.79 16.72 1.59
N GLU A 456 44.97 15.80 2.08
CA GLU A 456 45.48 14.64 2.79
C GLU A 456 46.20 13.70 1.83
N GLU A 457 47.13 12.91 2.36
CA GLU A 457 47.87 11.95 1.56
C GLU A 457 47.60 10.59 2.18
N PRO A 458 47.55 9.53 1.35
CA PRO A 458 47.28 8.18 1.86
C PRO A 458 48.27 7.77 2.96
N ASP A 459 47.82 6.92 3.86
CA ASP A 459 48.66 6.43 4.96
C ASP A 459 49.49 5.21 4.56
N GLY A 460 49.57 4.97 3.25
CA GLY A 460 50.33 3.85 2.73
C GLY A 460 49.77 3.48 1.38
N PRO A 461 50.23 2.35 0.78
CA PRO A 461 49.64 1.90 -0.49
C PRO A 461 48.19 1.58 -0.18
N GLU A 462 47.30 1.91 -1.08
CA GLU A 462 45.89 1.64 -0.85
C GLU A 462 45.53 0.27 -1.41
N ILE A 463 45.88 0.04 -2.67
CA ILE A 463 45.61 -1.23 -3.34
C ILE A 463 46.97 -1.81 -3.73
N PHE A 464 47.31 -2.96 -3.17
CA PHE A 464 48.62 -3.56 -3.43
C PHE A 464 48.63 -5.07 -3.32
N VAL A 465 49.81 -5.65 -3.55
CA VAL A 465 50.01 -7.09 -3.48
C VAL A 465 51.15 -7.39 -2.51
N GLU A 466 50.91 -8.32 -1.59
CA GLU A 466 51.92 -8.76 -0.63
C GLU A 466 52.27 -10.16 -1.10
N ALA A 467 53.49 -10.60 -0.80
CA ALA A 467 53.92 -11.94 -1.19
C ALA A 467 54.98 -12.46 -0.24
N GLN A 468 55.19 -13.76 -0.31
CA GLN A 468 56.19 -14.46 0.49
C GLN A 468 56.37 -15.83 -0.14
N ILE A 469 57.52 -16.42 0.10
CA ILE A 469 57.80 -17.76 -0.41
C ILE A 469 56.99 -18.67 0.51
N ASN A 470 56.08 -19.45 -0.08
CA ASN A 470 55.23 -20.36 0.68
C ASN A 470 56.00 -21.63 1.04
N THR A 471 56.62 -22.25 0.04
CA THR A 471 57.39 -23.47 0.22
C THR A 471 58.67 -23.32 -0.59
N PRO A 472 59.84 -23.45 0.06
CA PRO A 472 61.11 -23.35 -0.67
C PRO A 472 61.28 -24.52 -1.63
N GLY A 473 61.85 -24.25 -2.79
CA GLY A 473 62.05 -25.29 -3.78
C GLY A 473 63.16 -24.92 -4.73
N THR A 474 63.63 -25.91 -5.48
CA THR A 474 64.71 -25.68 -6.43
C THR A 474 64.29 -25.82 -7.88
N THR A 475 63.28 -26.65 -8.11
CA THR A 475 62.77 -26.84 -9.47
C THR A 475 61.49 -26.06 -9.67
N PHE A 476 61.11 -25.31 -8.65
CA PHE A 476 59.91 -24.50 -8.70
C PHE A 476 60.01 -23.33 -7.73
N THR A 477 59.06 -22.42 -7.86
CA THR A 477 58.95 -21.27 -6.97
C THR A 477 57.46 -21.27 -6.59
N GLU A 478 57.18 -21.39 -5.30
CA GLU A 478 55.81 -21.36 -4.82
C GLU A 478 55.62 -20.09 -4.00
N ILE A 479 54.80 -19.20 -4.53
CA ILE A 479 54.52 -17.92 -3.90
C ILE A 479 53.15 -17.92 -3.26
N LYS A 480 53.04 -17.19 -2.15
CA LYS A 480 51.77 -16.99 -1.47
C LYS A 480 51.54 -15.49 -1.58
N ALA A 481 50.68 -15.10 -2.53
CA ALA A 481 50.38 -13.69 -2.75
C ALA A 481 49.07 -13.34 -2.07
N MET A 482 48.94 -12.07 -1.72
CA MET A 482 47.75 -11.57 -1.06
C MET A 482 47.45 -10.21 -1.66
N ILE A 483 46.31 -10.09 -2.34
CA ILE A 483 45.91 -8.81 -2.92
C ILE A 483 45.15 -8.08 -1.80
N ARG A 484 45.43 -6.80 -1.61
CA ARG A 484 44.79 -6.01 -0.57
C ARG A 484 44.18 -4.73 -1.10
N ASN A 485 42.97 -4.43 -0.66
CA ASN A 485 42.31 -3.18 -1.02
C ASN A 485 41.93 -2.46 0.27
N GLN A 486 42.85 -1.63 0.74
CA GLN A 486 42.65 -0.85 1.95
C GLN A 486 42.51 0.63 1.57
N SER A 487 41.88 0.88 0.44
CA SER A 487 41.70 2.23 -0.06
C SER A 487 40.88 3.14 0.85
N GLY A 488 41.22 4.42 0.84
CA GLY A 488 40.49 5.39 1.64
C GLY A 488 40.55 6.80 1.08
N TRP A 489 41.15 6.98 -0.09
CA TRP A 489 41.29 8.32 -0.70
C TRP A 489 40.87 8.42 -2.17
N PRO A 490 39.61 8.10 -2.48
CA PRO A 490 38.58 7.60 -1.57
C PRO A 490 38.52 6.08 -1.61
N ALA A 491 37.65 5.49 -0.78
CA ALA A 491 37.47 4.04 -0.78
C ALA A 491 36.93 3.69 -2.15
N ARG A 492 37.46 2.64 -2.77
CA ARG A 492 37.00 2.24 -4.09
C ARG A 492 37.03 0.74 -4.28
N MET A 493 36.18 0.27 -5.18
CA MET A 493 36.06 -1.14 -5.50
C MET A 493 37.11 -1.61 -6.50
N LEU A 494 37.52 -2.87 -6.38
CA LEU A 494 38.46 -3.45 -7.33
C LEU A 494 37.80 -4.78 -7.72
N ASP A 495 37.05 -4.77 -8.81
CA ASP A 495 36.38 -5.98 -9.28
C ASP A 495 36.86 -6.50 -10.62
N LYS A 496 37.96 -5.96 -11.12
CA LYS A 496 38.51 -6.38 -12.39
C LYS A 496 40.02 -6.46 -12.31
N GLY A 497 40.50 -7.00 -11.20
CA GLY A 497 41.94 -7.11 -11.03
C GLY A 497 42.59 -8.37 -11.55
N THR A 498 43.84 -8.21 -11.99
CA THR A 498 44.67 -9.31 -12.48
C THR A 498 46.10 -8.89 -12.12
N PHE A 499 46.99 -9.85 -11.97
CA PHE A 499 48.36 -9.48 -11.67
C PHE A 499 49.33 -10.34 -12.45
N ARG A 500 50.50 -9.79 -12.73
CA ARG A 500 51.51 -10.50 -13.48
C ARG A 500 52.78 -10.72 -12.68
N TYR A 501 53.34 -11.90 -12.86
CA TYR A 501 54.57 -12.31 -12.20
C TYR A 501 55.55 -12.63 -13.33
N TRP A 502 56.52 -11.75 -13.54
CA TRP A 502 57.50 -11.97 -14.59
C TRP A 502 58.68 -12.82 -14.12
N PHE A 503 59.19 -13.65 -15.02
CA PHE A 503 60.33 -14.51 -14.75
C PHE A 503 61.14 -14.70 -16.02
N THR A 504 62.43 -14.95 -15.85
CA THR A 504 63.34 -15.15 -16.97
C THR A 504 63.59 -16.64 -17.19
N LEU A 505 63.33 -17.10 -18.40
CA LEU A 505 63.52 -18.50 -18.77
C LEU A 505 64.99 -18.84 -18.59
N ASP A 506 65.24 -20.00 -18.00
CA ASP A 506 66.59 -20.44 -17.74
C ASP A 506 67.11 -21.49 -18.73
N GLU A 507 68.43 -21.66 -18.71
CA GLU A 507 69.11 -22.61 -19.59
C GLU A 507 68.69 -24.03 -19.23
N GLY A 508 68.18 -24.76 -20.22
CA GLY A 508 67.75 -26.12 -19.98
C GLY A 508 66.30 -26.27 -19.60
N VAL A 509 65.56 -25.16 -19.60
CA VAL A 509 64.15 -25.18 -19.26
C VAL A 509 63.28 -24.92 -20.50
N ASP A 510 62.47 -25.90 -20.86
CA ASP A 510 61.57 -25.81 -22.00
C ASP A 510 60.28 -25.18 -21.48
N PRO A 511 59.86 -24.04 -22.03
CA PRO A 511 58.64 -23.35 -21.60
C PRO A 511 57.42 -24.24 -21.65
N ALA A 512 57.45 -25.22 -22.56
CA ALA A 512 56.33 -26.14 -22.71
C ALA A 512 56.22 -27.08 -21.50
N ASP A 513 57.28 -27.16 -20.71
CA ASP A 513 57.27 -28.00 -19.53
C ASP A 513 56.94 -27.24 -18.25
N ILE A 514 56.69 -25.94 -18.38
CA ILE A 514 56.36 -25.15 -17.22
C ILE A 514 54.88 -25.31 -16.85
N THR A 515 54.64 -25.58 -15.57
CA THR A 515 53.27 -25.74 -15.09
C THR A 515 53.01 -24.80 -13.92
N VAL A 516 51.79 -24.27 -13.87
CA VAL A 516 51.41 -23.38 -12.78
C VAL A 516 50.26 -24.08 -12.07
N SER A 517 50.45 -24.39 -10.78
CA SER A 517 49.40 -25.06 -10.04
C SER A 517 49.18 -24.40 -8.68
N SER A 518 48.13 -24.83 -7.98
CA SER A 518 47.79 -24.27 -6.69
C SER A 518 46.93 -25.22 -5.87
N ALA A 519 47.09 -25.14 -4.55
CA ALA A 519 46.31 -25.96 -3.62
C ALA A 519 45.33 -25.02 -2.90
N TYR A 520 45.43 -23.73 -3.18
CA TYR A 520 44.53 -22.73 -2.61
C TYR A 520 44.68 -21.44 -3.40
N ASN A 521 43.61 -21.05 -4.09
CA ASN A 521 43.63 -19.86 -4.92
C ASN A 521 42.20 -19.31 -4.99
N GLN A 522 42.00 -18.10 -4.48
CA GLN A 522 40.68 -17.51 -4.51
C GLN A 522 40.36 -16.93 -5.90
N CYS A 523 41.36 -16.92 -6.77
CA CYS A 523 41.20 -16.43 -8.13
C CYS A 523 41.43 -17.63 -9.08
N ALA A 524 41.52 -17.38 -10.38
CA ALA A 524 41.73 -18.45 -11.35
C ALA A 524 43.18 -18.95 -11.37
N THR A 525 43.35 -20.23 -11.73
CA THR A 525 44.67 -20.85 -11.84
C THR A 525 44.95 -21.08 -13.32
N PRO A 526 45.96 -20.40 -13.87
CA PRO A 526 46.25 -20.47 -15.30
C PRO A 526 46.90 -21.78 -15.73
N GLU A 527 46.72 -22.11 -17.00
CA GLU A 527 47.31 -23.34 -17.53
C GLU A 527 48.64 -23.05 -18.19
N ASP A 528 48.74 -21.91 -18.86
CA ASP A 528 49.97 -21.56 -19.56
C ASP A 528 50.64 -20.27 -19.13
N VAL A 529 51.84 -20.06 -19.63
CA VAL A 529 52.63 -18.86 -19.35
C VAL A 529 52.66 -18.00 -20.60
N HIS A 530 53.02 -16.73 -20.45
CA HIS A 530 53.03 -15.83 -21.59
C HIS A 530 54.42 -15.33 -21.93
N HIS A 531 54.78 -15.45 -23.19
CA HIS A 531 56.09 -15.00 -23.65
C HIS A 531 56.00 -13.55 -24.06
N VAL A 532 56.92 -12.74 -23.53
CA VAL A 532 56.97 -11.32 -23.87
C VAL A 532 57.90 -11.17 -25.06
N SER A 533 59.20 -11.36 -24.80
CA SER A 533 60.23 -11.27 -25.83
C SER A 533 61.46 -11.90 -25.24
N GLY A 534 62.37 -12.36 -26.08
CA GLY A 534 63.59 -12.98 -25.59
C GLY A 534 63.26 -14.08 -24.60
N ASP A 535 63.87 -14.00 -23.41
CA ASP A 535 63.65 -14.99 -22.36
C ASP A 535 62.66 -14.50 -21.31
N LEU A 536 62.02 -13.37 -21.58
CA LEU A 536 61.06 -12.82 -20.65
C LEU A 536 59.68 -13.44 -20.82
N TYR A 537 59.16 -13.98 -19.73
CA TYR A 537 57.84 -14.60 -19.71
C TYR A 537 57.13 -14.11 -18.46
N TYR A 538 55.83 -14.36 -18.37
CA TYR A 538 55.05 -13.99 -17.20
C TYR A 538 53.85 -14.89 -17.01
N VAL A 539 53.45 -15.03 -15.75
CA VAL A 539 52.29 -15.81 -15.36
C VAL A 539 51.26 -14.73 -15.02
N GLU A 540 50.00 -14.96 -15.37
CA GLU A 540 48.97 -13.96 -15.08
C GLU A 540 47.86 -14.57 -14.27
N ILE A 541 47.57 -13.99 -13.11
CA ILE A 541 46.49 -14.47 -12.25
C ILE A 541 45.29 -13.56 -12.48
N ASP A 542 44.17 -14.16 -12.82
CA ASP A 542 42.93 -13.45 -13.12
C ASP A 542 41.93 -13.44 -11.96
N CYS A 543 41.69 -12.25 -11.38
CA CYS A 543 40.74 -12.11 -10.28
C CYS A 543 39.49 -11.33 -10.66
N THR A 544 39.26 -11.15 -11.96
CA THR A 544 38.09 -10.40 -12.42
C THR A 544 36.84 -11.14 -11.95
N GLY A 545 35.86 -10.39 -11.46
CA GLY A 545 34.64 -11.00 -10.96
C GLY A 545 34.65 -11.04 -9.45
N GLU A 546 35.84 -10.97 -8.87
CA GLU A 546 35.96 -10.97 -7.42
C GLU A 546 35.83 -9.53 -6.95
N LYS A 547 34.90 -9.27 -6.04
CA LYS A 547 34.71 -7.91 -5.53
C LYS A 547 35.59 -7.68 -4.32
N ILE A 548 36.74 -7.07 -4.56
CA ILE A 548 37.72 -6.79 -3.51
C ILE A 548 37.52 -5.34 -3.09
N PHE A 549 36.98 -5.13 -1.91
CA PHE A 549 36.72 -3.78 -1.41
C PHE A 549 36.96 -3.68 0.09
N PRO A 550 37.28 -2.47 0.59
CA PRO A 550 37.54 -2.28 2.03
C PRO A 550 36.26 -2.31 2.88
N GLY A 551 35.71 -3.51 3.06
CA GLY A 551 34.48 -3.62 3.82
C GLY A 551 34.35 -4.88 4.66
N GLY A 552 35.47 -5.45 5.07
CA GLY A 552 35.42 -6.65 5.88
C GLY A 552 36.72 -7.44 5.77
N GLN A 553 36.89 -8.38 6.69
CA GLN A 553 38.07 -9.21 6.73
C GLN A 553 38.32 -9.96 5.42
N SER A 554 37.35 -10.75 4.97
CA SER A 554 37.47 -11.50 3.73
C SER A 554 37.27 -10.63 2.49
N GLU A 555 36.43 -9.62 2.61
CA GLU A 555 36.11 -8.74 1.49
C GLU A 555 37.27 -7.93 0.92
N HIS A 556 38.13 -7.43 1.80
CA HIS A 556 39.23 -6.58 1.36
C HIS A 556 40.46 -7.28 0.78
N ARG A 557 40.47 -8.62 0.78
CA ARG A 557 41.65 -9.33 0.29
C ARG A 557 41.33 -10.60 -0.46
N ARG A 558 42.29 -11.07 -1.25
CA ARG A 558 42.15 -12.31 -1.98
C ARG A 558 43.48 -13.05 -1.89
N GLU A 559 43.45 -14.27 -1.37
CA GLU A 559 44.66 -15.05 -1.26
C GLU A 559 44.87 -15.89 -2.50
N VAL A 560 46.11 -15.91 -2.97
CA VAL A 560 46.48 -16.66 -4.15
C VAL A 560 47.80 -17.35 -3.94
N GLN A 561 47.77 -18.68 -3.90
CA GLN A 561 48.98 -19.45 -3.77
C GLN A 561 49.21 -20.06 -5.14
N PHE A 562 50.40 -19.88 -5.71
CA PHE A 562 50.69 -20.45 -7.01
C PHE A 562 52.12 -20.95 -7.09
N ARG A 563 52.27 -22.13 -7.69
CA ARG A 563 53.57 -22.75 -7.86
C ARG A 563 53.92 -22.77 -9.34
N ILE A 564 55.11 -22.30 -9.68
CA ILE A 564 55.57 -22.30 -11.07
C ILE A 564 56.69 -23.35 -11.10
N ALA A 565 56.38 -24.53 -11.63
CA ALA A 565 57.38 -25.59 -11.69
C ALA A 565 58.02 -25.63 -13.06
N GLY A 566 59.34 -25.56 -13.10
CA GLY A 566 60.05 -25.59 -14.37
C GLY A 566 61.00 -26.76 -14.51
N GLY A 567 61.15 -27.54 -13.45
CA GLY A 567 62.04 -28.68 -13.48
C GLY A 567 63.48 -28.29 -13.17
N PRO A 568 64.43 -29.25 -13.27
CA PRO A 568 65.84 -28.95 -13.04
C PRO A 568 66.31 -27.90 -14.06
N GLY A 569 66.96 -26.86 -13.57
CA GLY A 569 67.40 -25.79 -14.46
C GLY A 569 66.72 -24.51 -14.03
N TRP A 570 65.57 -24.66 -13.38
CA TRP A 570 64.79 -23.54 -12.89
C TRP A 570 65.67 -22.70 -11.97
N ASP A 571 65.72 -21.40 -12.23
CA ASP A 571 66.54 -20.48 -11.44
C ASP A 571 65.80 -19.18 -11.23
N PRO A 572 65.29 -18.95 -10.00
CA PRO A 572 64.51 -17.73 -9.71
C PRO A 572 65.35 -16.48 -9.45
N SER A 573 66.66 -16.64 -9.28
CA SER A 573 67.50 -15.48 -9.00
C SER A 573 67.60 -14.45 -10.12
N ASN A 574 67.18 -14.81 -11.32
CA ASN A 574 67.21 -13.86 -12.42
C ASN A 574 65.78 -13.50 -12.83
N ASP A 575 64.84 -13.75 -11.91
CA ASP A 575 63.43 -13.46 -12.16
C ASP A 575 63.06 -12.09 -11.62
N TRP A 576 62.50 -11.27 -12.49
CA TRP A 576 62.09 -9.91 -12.13
C TRP A 576 61.17 -9.84 -10.91
N SER A 577 60.04 -10.53 -10.96
CA SER A 577 59.10 -10.48 -9.85
C SER A 577 59.54 -11.15 -8.55
N PHE A 578 60.64 -11.89 -8.61
CA PHE A 578 61.15 -12.58 -7.42
C PHE A 578 61.93 -11.64 -6.50
N GLN A 579 62.44 -10.54 -7.06
CA GLN A 579 63.24 -9.58 -6.31
C GLN A 579 62.58 -9.08 -5.04
N GLY A 580 63.24 -9.33 -3.91
CA GLY A 580 62.72 -8.86 -2.63
C GLY A 580 61.72 -9.73 -1.91
N ILE A 581 61.29 -10.82 -2.52
CA ILE A 581 60.33 -11.71 -1.87
C ILE A 581 61.07 -12.56 -0.85
N GLY A 582 60.55 -12.62 0.37
CA GLY A 582 61.19 -13.39 1.41
C GLY A 582 60.25 -14.36 2.08
N ASN A 583 60.56 -14.72 3.33
CA ASN A 583 59.74 -15.66 4.07
C ASN A 583 58.61 -15.01 4.86
N GLU A 584 58.59 -13.68 4.90
CA GLU A 584 57.53 -12.97 5.60
C GLU A 584 56.68 -12.26 4.56
N LEU A 585 55.37 -12.23 4.78
CA LEU A 585 54.45 -11.58 3.87
C LEU A 585 54.73 -10.08 3.95
N ALA A 586 55.03 -9.47 2.80
CA ALA A 586 55.33 -8.04 2.71
C ALA A 586 54.99 -7.58 1.29
N PRO A 587 54.80 -6.27 1.08
CA PRO A 587 54.45 -5.77 -0.26
C PRO A 587 55.47 -6.19 -1.29
N ALA A 588 54.99 -6.66 -2.44
CA ALA A 588 55.86 -7.10 -3.53
C ALA A 588 55.82 -6.07 -4.65
N PRO A 589 56.82 -5.18 -4.70
CA PRO A 589 56.83 -4.08 -5.67
C PRO A 589 57.04 -4.51 -7.13
N TYR A 590 57.47 -5.75 -7.35
CA TYR A 590 57.73 -6.23 -8.70
C TYR A 590 56.64 -7.11 -9.30
N ILE A 591 55.54 -7.24 -8.57
CA ILE A 591 54.38 -7.97 -9.05
C ILE A 591 53.45 -6.82 -9.37
N VAL A 592 53.00 -6.74 -10.61
CA VAL A 592 52.13 -5.65 -11.01
C VAL A 592 50.68 -6.05 -10.96
N LEU A 593 49.87 -5.17 -10.36
CA LEU A 593 48.43 -5.37 -10.24
C LEU A 593 47.74 -4.40 -11.22
N TYR A 594 46.78 -4.93 -11.98
CA TYR A 594 46.06 -4.13 -12.95
C TYR A 594 44.58 -4.10 -12.61
N ASP A 595 43.97 -2.95 -12.84
CA ASP A 595 42.55 -2.73 -12.61
C ASP A 595 41.98 -2.50 -14.01
N ASP A 596 41.36 -3.53 -14.56
CA ASP A 596 40.76 -3.46 -15.89
C ASP A 596 41.85 -3.10 -16.90
N GLY A 597 43.03 -3.70 -16.75
CA GLY A 597 44.13 -3.44 -17.66
C GLY A 597 45.05 -2.28 -17.31
N VAL A 598 44.65 -1.45 -16.35
CA VAL A 598 45.45 -0.31 -15.95
C VAL A 598 46.28 -0.61 -14.70
N PRO A 599 47.59 -0.41 -14.77
CA PRO A 599 48.50 -0.60 -13.64
C PRO A 599 48.10 0.25 -12.44
N VAL A 600 48.03 -0.40 -11.27
CA VAL A 600 47.65 0.27 -10.03
C VAL A 600 48.74 0.12 -8.96
N TRP A 601 49.60 -0.89 -9.12
CA TRP A 601 50.67 -1.16 -8.17
C TRP A 601 51.79 -1.94 -8.82
N GLY A 602 53.01 -1.72 -8.34
CA GLY A 602 54.18 -2.42 -8.86
C GLY A 602 54.79 -1.83 -10.12
N THR A 603 56.05 -2.17 -10.37
CA THR A 603 56.75 -1.69 -11.56
C THR A 603 57.04 -2.91 -12.44
N ALA A 604 56.78 -2.76 -13.74
CA ALA A 604 57.01 -3.84 -14.68
C ALA A 604 58.42 -3.76 -15.26
N PRO A 605 58.88 -4.83 -15.93
CA PRO A 605 60.22 -4.90 -16.54
C PRO A 605 60.36 -3.96 -17.74
N GLU B 1 -5.70 -37.92 -3.25
CA GLU B 1 -6.07 -36.77 -4.12
C GLU B 1 -7.28 -36.10 -3.48
N PRO B 2 -7.67 -34.91 -3.97
CA PRO B 2 -8.83 -34.25 -3.36
C PRO B 2 -10.08 -35.11 -3.47
N ALA B 3 -10.76 -35.30 -2.34
CA ALA B 3 -11.99 -36.08 -2.29
C ALA B 3 -13.02 -35.42 -3.20
N PHE B 4 -12.98 -34.09 -3.24
CA PHE B 4 -13.89 -33.33 -4.07
C PHE B 4 -13.07 -32.32 -4.86
N ASN B 5 -13.52 -32.00 -6.06
CA ASN B 5 -12.80 -31.05 -6.89
C ASN B 5 -13.06 -29.64 -6.41
N TYR B 6 -12.23 -29.18 -5.46
CA TYR B 6 -12.36 -27.85 -4.89
C TYR B 6 -12.21 -26.73 -5.92
N ALA B 7 -11.40 -26.96 -6.96
CA ALA B 7 -11.20 -25.96 -8.00
C ALA B 7 -12.47 -25.71 -8.80
N GLU B 8 -13.16 -26.80 -9.13
CA GLU B 8 -14.40 -26.69 -9.88
C GLU B 8 -15.44 -25.97 -9.03
N ALA B 9 -15.50 -26.33 -7.74
CA ALA B 9 -16.44 -25.72 -6.81
C ALA B 9 -16.22 -24.20 -6.73
N LEU B 10 -14.95 -23.79 -6.65
CA LEU B 10 -14.62 -22.38 -6.58
C LEU B 10 -14.99 -21.71 -7.88
N GLN B 11 -14.67 -22.37 -8.99
CA GLN B 11 -14.97 -21.86 -10.32
C GLN B 11 -16.47 -21.54 -10.46
N LYS B 12 -17.31 -22.43 -9.93
CA LYS B 12 -18.75 -22.21 -10.00
C LYS B 12 -19.21 -21.17 -9.00
N SER B 13 -18.51 -21.06 -7.88
CA SER B 13 -18.85 -20.06 -6.87
C SER B 13 -18.66 -18.66 -7.46
N MET B 14 -17.61 -18.48 -8.27
CA MET B 14 -17.33 -17.19 -8.89
C MET B 14 -18.44 -16.83 -9.90
N PHE B 15 -19.01 -17.85 -10.53
CA PHE B 15 -20.09 -17.69 -11.50
C PHE B 15 -21.37 -17.22 -10.78
N PHE B 16 -21.61 -17.78 -9.60
CA PHE B 16 -22.76 -17.40 -8.78
C PHE B 16 -22.78 -15.91 -8.54
N TYR B 17 -21.63 -15.35 -8.14
CA TYR B 17 -21.56 -13.91 -7.89
C TYR B 17 -21.82 -13.09 -9.16
N GLU B 18 -21.43 -13.62 -10.30
CA GLU B 18 -21.67 -12.93 -11.56
C GLU B 18 -23.16 -12.90 -11.86
N ALA B 19 -23.87 -13.98 -11.49
CA ALA B 19 -25.30 -14.09 -11.68
C ALA B 19 -26.11 -13.21 -10.73
N GLN B 20 -25.44 -12.69 -9.69
CA GLN B 20 -26.08 -11.82 -8.71
C GLN B 20 -25.96 -10.35 -9.10
N ARG B 21 -25.27 -10.07 -10.20
CA ARG B 21 -25.06 -8.69 -10.65
C ARG B 21 -26.32 -7.91 -10.99
N SER B 22 -26.28 -6.60 -10.69
CA SER B 22 -27.37 -5.68 -10.99
C SER B 22 -26.77 -4.58 -11.87
N GLY B 23 -27.63 -3.83 -12.56
CA GLY B 23 -27.16 -2.76 -13.41
C GLY B 23 -26.96 -3.19 -14.84
N LYS B 24 -26.22 -2.39 -15.60
CA LYS B 24 -25.94 -2.70 -17.00
C LYS B 24 -24.79 -3.69 -17.09
N LEU B 25 -25.10 -4.91 -17.51
CA LEU B 25 -24.10 -5.95 -17.64
C LEU B 25 -23.14 -5.72 -18.80
N PRO B 26 -21.87 -6.16 -18.64
CA PRO B 26 -20.82 -6.01 -19.64
C PRO B 26 -21.05 -6.89 -20.86
N GLU B 27 -20.31 -6.59 -21.93
CA GLU B 27 -20.39 -7.35 -23.17
C GLU B 27 -19.95 -8.80 -22.93
N ASN B 28 -18.97 -8.95 -22.06
CA ASN B 28 -18.39 -10.26 -21.72
C ASN B 28 -19.21 -11.09 -20.73
N ASN B 29 -20.44 -10.66 -20.45
CA ASN B 29 -21.32 -11.37 -19.52
C ASN B 29 -21.37 -12.89 -19.79
N ARG B 30 -21.00 -13.67 -18.80
CA ARG B 30 -21.00 -15.13 -18.92
C ARG B 30 -22.34 -15.80 -18.63
N VAL B 31 -23.23 -15.10 -17.94
CA VAL B 31 -24.54 -15.63 -17.58
C VAL B 31 -25.57 -15.22 -18.62
N SER B 32 -25.78 -16.10 -19.61
CA SER B 32 -26.70 -15.83 -20.70
C SER B 32 -28.15 -15.54 -20.33
N TRP B 33 -28.57 -16.00 -19.16
CA TRP B 33 -29.94 -15.77 -18.72
C TRP B 33 -30.10 -14.52 -17.87
N ARG B 34 -29.05 -13.71 -17.80
CA ARG B 34 -29.06 -12.46 -17.05
C ARG B 34 -28.89 -11.27 -18.01
N GLY B 35 -29.69 -10.23 -17.80
CA GLY B 35 -29.63 -9.05 -18.64
C GLY B 35 -29.65 -7.81 -17.78
N ASP B 36 -29.70 -6.64 -18.41
CA ASP B 36 -29.70 -5.38 -17.67
C ASP B 36 -30.92 -5.28 -16.75
N SER B 37 -30.70 -4.75 -15.56
CA SER B 37 -31.76 -4.59 -14.58
C SER B 37 -31.43 -3.50 -13.60
N GLY B 38 -32.43 -3.01 -12.89
CA GLY B 38 -32.18 -1.95 -11.93
C GLY B 38 -31.45 -0.76 -12.54
N LEU B 39 -31.80 -0.44 -13.78
CA LEU B 39 -31.17 0.67 -14.50
C LEU B 39 -31.57 2.05 -13.99
N ASN B 40 -32.57 2.12 -13.12
CA ASN B 40 -33.00 3.41 -12.59
C ASN B 40 -32.69 3.56 -11.12
N ASP B 41 -31.78 2.71 -10.63
CA ASP B 41 -31.40 2.75 -9.23
C ASP B 41 -30.69 4.05 -8.88
N GLY B 42 -31.23 4.76 -7.90
CA GLY B 42 -30.63 6.01 -7.47
C GLY B 42 -31.31 7.21 -8.07
N ALA B 43 -32.09 6.99 -9.13
CA ALA B 43 -32.80 8.06 -9.82
C ALA B 43 -33.63 8.92 -8.88
N ASP B 44 -34.23 8.31 -7.86
CA ASP B 44 -35.05 9.03 -6.90
C ASP B 44 -34.27 10.06 -6.08
N VAL B 45 -32.94 9.95 -6.09
CA VAL B 45 -32.11 10.90 -5.34
C VAL B 45 -31.09 11.58 -6.27
N GLY B 46 -31.36 11.53 -7.56
CA GLY B 46 -30.48 12.16 -8.53
C GLY B 46 -29.09 11.56 -8.62
N LEU B 47 -28.96 10.29 -8.28
CA LEU B 47 -27.67 9.63 -8.32
C LEU B 47 -27.66 8.36 -9.14
N ASP B 48 -26.49 7.98 -9.64
CA ASP B 48 -26.37 6.75 -10.39
C ASP B 48 -25.97 5.71 -9.36
N LEU B 49 -26.93 4.91 -8.92
CA LEU B 49 -26.63 3.87 -7.94
C LEU B 49 -26.82 2.50 -8.56
N THR B 50 -26.55 2.39 -9.85
CA THR B 50 -26.69 1.12 -10.53
C THR B 50 -25.45 0.29 -10.26
N GLY B 51 -25.59 -1.03 -10.39
CA GLY B 51 -24.47 -1.91 -10.14
C GLY B 51 -24.64 -2.61 -8.81
N GLY B 52 -23.58 -3.25 -8.33
CA GLY B 52 -23.67 -3.95 -7.07
C GLY B 52 -24.25 -5.33 -7.25
N TRP B 53 -24.62 -5.96 -6.14
CA TRP B 53 -25.17 -7.31 -6.16
C TRP B 53 -26.52 -7.35 -5.47
N TYR B 54 -27.38 -8.22 -5.97
CA TYR B 54 -28.66 -8.44 -5.36
C TYR B 54 -28.27 -9.36 -4.21
N ASP B 55 -28.86 -9.12 -3.04
CA ASP B 55 -28.52 -9.90 -1.85
C ASP B 55 -28.69 -11.42 -1.89
N ALA B 56 -29.91 -11.88 -2.12
CA ALA B 56 -30.17 -13.31 -2.10
C ALA B 56 -31.04 -13.75 -3.29
N GLY B 57 -32.19 -14.35 -3.01
CA GLY B 57 -33.07 -14.77 -4.09
C GLY B 57 -34.01 -13.64 -4.42
N ASP B 58 -33.76 -12.47 -3.83
CA ASP B 58 -34.55 -11.28 -4.03
C ASP B 58 -33.78 -10.24 -4.83
N HIS B 59 -34.29 -9.02 -4.88
CA HIS B 59 -33.62 -7.98 -5.65
C HIS B 59 -33.24 -6.73 -4.88
N VAL B 60 -33.18 -6.85 -3.55
CA VAL B 60 -32.80 -5.71 -2.74
C VAL B 60 -31.29 -5.69 -2.67
N LYS B 61 -30.72 -4.50 -2.70
CA LYS B 61 -29.28 -4.32 -2.58
C LYS B 61 -29.02 -3.85 -1.15
N PHE B 62 -28.76 -4.82 -0.27
CA PHE B 62 -28.50 -4.60 1.16
C PHE B 62 -27.02 -4.37 1.38
N GLY B 63 -26.66 -3.11 1.59
CA GLY B 63 -25.27 -2.72 1.78
C GLY B 63 -24.45 -3.38 2.89
N PHE B 64 -25.07 -3.68 4.02
CA PHE B 64 -24.34 -4.30 5.13
C PHE B 64 -23.78 -5.68 4.73
N PRO B 65 -24.64 -6.65 4.39
CA PRO B 65 -24.11 -7.95 3.96
C PRO B 65 -23.30 -7.88 2.63
N MET B 66 -23.63 -6.92 1.77
CA MET B 66 -22.88 -6.79 0.51
C MET B 66 -21.42 -6.46 0.83
N ALA B 67 -21.23 -5.50 1.73
CA ALA B 67 -19.88 -5.10 2.13
C ALA B 67 -19.12 -6.24 2.80
N PHE B 68 -19.76 -6.91 3.76
CA PHE B 68 -19.12 -8.03 4.45
C PHE B 68 -18.67 -9.10 3.47
N THR B 69 -19.54 -9.44 2.53
CA THR B 69 -19.23 -10.44 1.52
C THR B 69 -17.94 -10.03 0.81
N ALA B 70 -17.83 -8.75 0.46
CA ALA B 70 -16.65 -8.24 -0.21
C ALA B 70 -15.39 -8.41 0.66
N THR B 71 -15.50 -8.04 1.94
CA THR B 71 -14.36 -8.15 2.84
C THR B 71 -13.88 -9.60 2.94
N MET B 72 -14.82 -10.53 3.10
CA MET B 72 -14.51 -11.96 3.21
C MET B 72 -13.87 -12.53 1.95
N LEU B 73 -14.39 -12.13 0.79
CA LEU B 73 -13.84 -12.60 -0.47
C LEU B 73 -12.42 -12.09 -0.64
N ALA B 74 -12.20 -10.82 -0.33
CA ALA B 74 -10.87 -10.23 -0.45
C ALA B 74 -9.92 -10.95 0.49
N TRP B 75 -10.37 -11.16 1.73
CA TRP B 75 -9.57 -11.82 2.75
C TRP B 75 -9.05 -13.16 2.25
N GLY B 76 -9.92 -13.96 1.64
CA GLY B 76 -9.50 -15.26 1.14
C GLY B 76 -8.44 -15.15 0.06
N ALA B 77 -8.58 -14.15 -0.80
CA ALA B 77 -7.66 -13.91 -1.90
C ALA B 77 -6.30 -13.48 -1.38
N ILE B 78 -6.30 -12.85 -0.20
CA ILE B 78 -5.07 -12.40 0.43
C ILE B 78 -4.39 -13.58 1.12
N GLU B 79 -5.19 -14.42 1.78
CA GLU B 79 -4.67 -15.60 2.47
C GLU B 79 -4.16 -16.65 1.51
N SER B 80 -4.88 -16.86 0.42
CA SER B 80 -4.49 -17.86 -0.56
C SER B 80 -4.61 -17.39 -2.01
N PRO B 81 -3.75 -16.46 -2.44
CA PRO B 81 -3.76 -16.08 -3.86
C PRO B 81 -3.43 -17.28 -4.74
N GLU B 82 -2.62 -18.20 -4.23
CA GLU B 82 -2.24 -19.40 -4.98
C GLU B 82 -3.46 -20.26 -5.30
N GLY B 83 -4.36 -20.41 -4.33
CA GLY B 83 -5.56 -21.20 -4.56
C GLY B 83 -6.35 -20.65 -5.74
N TYR B 84 -6.46 -19.33 -5.79
CA TYR B 84 -7.17 -18.65 -6.85
C TYR B 84 -6.39 -18.73 -8.17
N ILE B 85 -5.08 -18.62 -8.10
CA ILE B 85 -4.26 -18.68 -9.31
C ILE B 85 -4.30 -20.08 -9.92
N ARG B 86 -4.12 -21.09 -9.08
CA ARG B 86 -4.13 -22.48 -9.51
C ARG B 86 -5.44 -22.95 -10.10
N SER B 87 -6.56 -22.48 -9.55
CA SER B 87 -7.88 -22.85 -10.07
C SER B 87 -8.23 -22.01 -11.30
N GLY B 88 -7.37 -21.05 -11.64
CA GLY B 88 -7.61 -20.19 -12.79
C GLY B 88 -8.75 -19.22 -12.57
N GLN B 89 -9.06 -18.98 -11.30
CA GLN B 89 -10.17 -18.09 -10.94
C GLN B 89 -9.77 -16.69 -10.50
N MET B 90 -8.47 -16.41 -10.37
CA MET B 90 -8.05 -15.08 -9.93
C MET B 90 -8.66 -13.93 -10.73
N PRO B 91 -8.68 -14.02 -12.07
CA PRO B 91 -9.30 -12.94 -12.85
C PRO B 91 -10.79 -12.76 -12.57
N TYR B 92 -11.50 -13.85 -12.28
CA TYR B 92 -12.93 -13.78 -11.97
C TYR B 92 -13.16 -13.21 -10.57
N LEU B 93 -12.25 -13.51 -9.64
CA LEU B 93 -12.37 -12.96 -8.29
C LEU B 93 -12.22 -11.45 -8.39
N LYS B 94 -11.16 -11.03 -9.08
CA LYS B 94 -10.88 -9.61 -9.25
C LYS B 94 -12.02 -8.89 -9.96
N ASP B 95 -12.59 -9.54 -10.97
CA ASP B 95 -13.69 -8.96 -11.72
C ASP B 95 -14.89 -8.75 -10.78
N ASN B 96 -15.17 -9.76 -9.95
CA ASN B 96 -16.26 -9.70 -8.99
C ASN B 96 -16.03 -8.59 -7.98
N LEU B 97 -14.82 -8.52 -7.42
CA LEU B 97 -14.51 -7.49 -6.44
C LEU B 97 -14.57 -6.09 -7.04
N ARG B 98 -14.08 -5.93 -8.27
CA ARG B 98 -14.11 -4.63 -8.92
C ARG B 98 -15.57 -4.20 -9.11
N TRP B 99 -16.42 -5.16 -9.43
CA TRP B 99 -17.85 -4.89 -9.64
C TRP B 99 -18.49 -4.30 -8.38
N VAL B 100 -18.33 -4.98 -7.26
CA VAL B 100 -18.91 -4.49 -6.02
C VAL B 100 -18.27 -3.20 -5.51
N ASN B 101 -16.95 -3.05 -5.71
CA ASN B 101 -16.28 -1.83 -5.25
C ASN B 101 -16.65 -0.61 -6.08
N ASP B 102 -16.89 -0.81 -7.38
CA ASP B 102 -17.29 0.29 -8.23
C ASP B 102 -18.61 0.81 -7.68
N TYR B 103 -19.43 -0.09 -7.16
CA TYR B 103 -20.72 0.28 -6.59
C TYR B 103 -20.54 1.09 -5.30
N PHE B 104 -19.66 0.62 -4.42
CA PHE B 104 -19.39 1.32 -3.17
C PHE B 104 -18.91 2.75 -3.40
N ILE B 105 -18.14 2.96 -4.47
CA ILE B 105 -17.65 4.30 -4.82
C ILE B 105 -18.83 5.18 -5.20
N LYS B 106 -19.73 4.64 -6.02
CA LYS B 106 -20.93 5.37 -6.44
C LYS B 106 -21.81 5.72 -5.26
N ALA B 107 -21.91 4.77 -4.33
CA ALA B 107 -22.73 4.94 -3.14
C ALA B 107 -22.10 5.85 -2.08
N HIS B 108 -20.90 6.38 -2.35
CA HIS B 108 -20.22 7.26 -1.41
C HIS B 108 -19.92 8.60 -2.10
N PRO B 109 -20.98 9.40 -2.38
CA PRO B 109 -20.83 10.67 -3.09
C PRO B 109 -19.98 11.71 -2.34
N SER B 110 -20.01 11.67 -1.02
CA SER B 110 -19.21 12.61 -0.23
C SER B 110 -18.75 11.91 1.04
N PRO B 111 -17.63 12.39 1.65
CA PRO B 111 -17.02 11.73 2.80
C PRO B 111 -17.94 11.15 3.87
N ASN B 112 -18.94 11.91 4.33
CA ASN B 112 -19.83 11.39 5.37
C ASN B 112 -21.21 10.92 4.91
N VAL B 113 -21.34 10.55 3.65
CA VAL B 113 -22.61 10.07 3.12
C VAL B 113 -22.46 8.72 2.45
N LEU B 114 -23.22 7.74 2.92
CA LEU B 114 -23.15 6.41 2.36
C LEU B 114 -24.52 5.81 2.12
N TYR B 115 -24.81 5.51 0.86
CA TYR B 115 -26.07 4.88 0.50
C TYR B 115 -25.93 3.41 0.83
N VAL B 116 -26.77 2.95 1.74
CA VAL B 116 -26.72 1.58 2.21
C VAL B 116 -27.84 0.66 1.75
N GLN B 117 -28.80 1.16 0.98
CA GLN B 117 -29.89 0.30 0.52
C GLN B 117 -30.63 0.88 -0.68
N VAL B 118 -30.91 0.01 -1.64
CA VAL B 118 -31.67 0.38 -2.83
C VAL B 118 -32.74 -0.70 -2.94
N GLY B 119 -33.99 -0.27 -2.77
CA GLY B 119 -35.10 -1.19 -2.84
C GLY B 119 -35.75 -1.34 -1.47
N ASP B 120 -37.04 -1.67 -1.47
CA ASP B 120 -37.77 -1.86 -0.21
C ASP B 120 -38.04 -3.36 -0.02
N GLY B 121 -37.60 -3.89 1.11
CA GLY B 121 -37.78 -5.30 1.37
C GLY B 121 -39.16 -5.89 1.15
N ASP B 122 -40.18 -5.21 1.67
CA ASP B 122 -41.56 -5.68 1.54
C ASP B 122 -42.11 -5.58 0.14
N ALA B 123 -41.87 -4.46 -0.51
CA ALA B 123 -42.35 -4.25 -1.88
C ALA B 123 -41.68 -5.26 -2.79
N ASP B 124 -40.38 -5.45 -2.58
CA ASP B 124 -39.59 -6.38 -3.39
C ASP B 124 -39.99 -7.83 -3.21
N HIS B 125 -40.20 -8.26 -1.97
CA HIS B 125 -40.55 -9.64 -1.70
C HIS B 125 -41.98 -10.04 -2.05
N LYS B 126 -42.85 -9.06 -2.29
CA LYS B 126 -44.23 -9.34 -2.65
C LYS B 126 -44.38 -9.87 -4.08
N TRP B 127 -43.40 -9.58 -4.92
CA TRP B 127 -43.44 -9.98 -6.32
C TRP B 127 -42.44 -11.09 -6.61
N TRP B 128 -42.86 -12.09 -7.39
CA TRP B 128 -42.00 -13.21 -7.72
C TRP B 128 -41.76 -13.30 -9.23
N GLY B 129 -40.63 -12.77 -9.67
CA GLY B 129 -40.31 -12.78 -11.09
C GLY B 129 -38.87 -12.36 -11.35
N PRO B 130 -38.45 -12.39 -12.63
CA PRO B 130 -37.09 -12.05 -13.07
C PRO B 130 -36.71 -10.60 -12.81
N ALA B 131 -35.44 -10.39 -12.46
CA ALA B 131 -34.92 -9.06 -12.15
C ALA B 131 -35.04 -8.05 -13.30
N GLU B 132 -34.90 -8.51 -14.53
CA GLU B 132 -34.95 -7.65 -15.70
C GLU B 132 -36.25 -6.91 -15.94
N VAL B 133 -37.34 -7.40 -15.36
CA VAL B 133 -38.62 -6.76 -15.57
C VAL B 133 -39.35 -6.33 -14.28
N MET B 134 -38.58 -6.05 -13.22
CA MET B 134 -39.18 -5.62 -11.94
C MET B 134 -40.12 -4.47 -12.24
N PRO B 135 -41.40 -4.59 -11.82
CA PRO B 135 -42.38 -3.53 -12.08
C PRO B 135 -42.49 -2.47 -10.99
N MET B 136 -41.90 -2.70 -9.82
CA MET B 136 -42.01 -1.76 -8.72
C MET B 136 -40.94 -0.69 -8.57
N GLU B 137 -41.24 0.30 -7.75
CA GLU B 137 -40.34 1.42 -7.45
C GLU B 137 -39.28 0.93 -6.48
N ARG B 138 -38.07 1.47 -6.61
CA ARG B 138 -36.96 1.07 -5.76
C ARG B 138 -36.34 2.29 -5.07
N PRO B 139 -36.72 2.55 -3.81
CA PRO B 139 -36.26 3.68 -3.01
C PRO B 139 -34.80 3.53 -2.58
N SER B 140 -34.08 4.64 -2.52
CA SER B 140 -32.69 4.66 -2.08
C SER B 140 -32.65 5.16 -0.64
N PHE B 141 -31.82 4.55 0.19
CA PHE B 141 -31.69 4.93 1.60
C PHE B 141 -30.22 5.15 1.91
N LYS B 142 -29.93 6.04 2.86
CA LYS B 142 -28.56 6.34 3.20
C LYS B 142 -28.39 6.66 4.68
N VAL B 143 -27.12 6.75 5.09
CA VAL B 143 -26.74 7.10 6.45
C VAL B 143 -25.79 8.28 6.31
N ASP B 144 -25.85 9.22 7.25
CA ASP B 144 -25.02 10.41 7.25
C ASP B 144 -24.90 10.91 8.70
N PRO B 145 -24.24 12.06 8.93
CA PRO B 145 -24.14 12.56 10.31
C PRO B 145 -25.49 12.71 11.02
N SER B 146 -26.53 13.10 10.27
CA SER B 146 -27.87 13.27 10.83
C SER B 146 -28.48 11.96 11.33
N CYS B 147 -28.07 10.86 10.71
CA CYS B 147 -28.56 9.54 11.12
C CYS B 147 -27.48 8.56 10.66
N PRO B 148 -26.49 8.32 11.53
CA PRO B 148 -25.30 7.53 11.22
C PRO B 148 -25.49 6.02 11.14
N GLY B 149 -24.40 5.33 10.84
CA GLY B 149 -24.41 3.89 10.74
C GLY B 149 -22.98 3.43 10.78
N SER B 150 -22.40 3.44 11.97
CA SER B 150 -21.01 3.03 12.16
C SER B 150 -20.73 1.61 11.70
N ASP B 151 -21.68 0.71 11.95
CA ASP B 151 -21.51 -0.68 11.55
C ASP B 151 -21.34 -0.86 10.04
N VAL B 152 -22.29 -0.35 9.27
CA VAL B 152 -22.24 -0.48 7.81
C VAL B 152 -21.14 0.38 7.18
N ALA B 153 -20.84 1.53 7.77
CA ALA B 153 -19.80 2.41 7.22
C ALA B 153 -18.43 1.80 7.43
N ALA B 154 -18.20 1.24 8.62
CA ALA B 154 -16.91 0.62 8.95
C ALA B 154 -16.74 -0.67 8.14
N GLU B 155 -17.84 -1.37 7.88
CA GLU B 155 -17.78 -2.60 7.10
C GLU B 155 -17.39 -2.28 5.66
N THR B 156 -17.99 -1.23 5.10
CA THR B 156 -17.69 -0.82 3.73
C THR B 156 -16.24 -0.32 3.66
N ALA B 157 -15.76 0.31 4.74
CA ALA B 157 -14.38 0.79 4.81
C ALA B 157 -13.48 -0.44 4.74
N ALA B 158 -13.78 -1.46 5.55
CA ALA B 158 -13.00 -2.69 5.58
C ALA B 158 -12.99 -3.39 4.22
N ALA B 159 -14.13 -3.41 3.54
CA ALA B 159 -14.24 -4.06 2.23
C ALA B 159 -13.35 -3.38 1.20
N MET B 160 -13.36 -2.05 1.20
CA MET B 160 -12.56 -1.27 0.25
C MET B 160 -11.07 -1.36 0.61
N ALA B 161 -10.76 -1.39 1.89
CA ALA B 161 -9.38 -1.49 2.34
C ALA B 161 -8.83 -2.87 1.96
N ALA B 162 -9.56 -3.92 2.31
CA ALA B 162 -9.12 -5.28 1.99
C ALA B 162 -8.95 -5.48 0.49
N SER B 163 -9.92 -5.00 -0.29
CA SER B 163 -9.88 -5.12 -1.75
C SER B 163 -8.70 -4.36 -2.37
N SER B 164 -8.31 -3.25 -1.76
CA SER B 164 -7.19 -2.46 -2.28
C SER B 164 -5.91 -3.30 -2.26
N ILE B 165 -5.77 -4.13 -1.24
CA ILE B 165 -4.60 -5.00 -1.11
C ILE B 165 -4.56 -5.99 -2.27
N VAL B 166 -5.73 -6.39 -2.76
CA VAL B 166 -5.81 -7.34 -3.87
C VAL B 166 -5.45 -6.69 -5.20
N PHE B 167 -5.82 -5.43 -5.41
CA PHE B 167 -5.52 -4.73 -6.64
C PHE B 167 -4.20 -3.98 -6.63
N ALA B 168 -3.62 -3.82 -5.44
CA ALA B 168 -2.35 -3.10 -5.25
C ALA B 168 -1.32 -3.22 -6.37
N ASP B 169 -0.93 -4.42 -6.73
CA ASP B 169 0.06 -4.60 -7.78
C ASP B 169 -0.52 -4.47 -9.18
N ASP B 170 -1.79 -4.85 -9.33
CA ASP B 170 -2.47 -4.77 -10.62
C ASP B 170 -2.83 -3.37 -11.06
N ASP B 171 -3.62 -2.70 -10.24
CA ASP B 171 -4.10 -1.35 -10.54
C ASP B 171 -3.87 -0.46 -9.31
N PRO B 172 -2.62 0.00 -9.11
CA PRO B 172 -2.27 0.84 -7.95
C PRO B 172 -3.08 2.11 -7.87
N ALA B 173 -3.51 2.62 -9.02
CA ALA B 173 -4.31 3.83 -9.06
C ALA B 173 -5.68 3.55 -8.44
N TYR B 174 -6.26 2.41 -8.81
CA TYR B 174 -7.58 1.99 -8.30
C TYR B 174 -7.45 1.69 -6.81
N ALA B 175 -6.42 0.94 -6.45
CA ALA B 175 -6.19 0.58 -5.06
C ALA B 175 -6.08 1.83 -4.19
N ALA B 176 -5.45 2.87 -4.74
CA ALA B 176 -5.29 4.14 -4.02
C ALA B 176 -6.64 4.80 -3.77
N THR B 177 -7.50 4.78 -4.78
CA THR B 177 -8.84 5.36 -4.68
C THR B 177 -9.63 4.64 -3.59
N LEU B 178 -9.59 3.31 -3.61
CA LEU B 178 -10.30 2.51 -2.62
C LEU B 178 -9.85 2.86 -1.21
N VAL B 179 -8.54 2.94 -1.01
CA VAL B 179 -7.96 3.29 0.29
C VAL B 179 -8.46 4.65 0.76
N GLN B 180 -8.43 5.63 -0.16
CA GLN B 180 -8.88 6.98 0.13
C GLN B 180 -10.33 6.95 0.64
N HIS B 181 -11.17 6.18 -0.05
CA HIS B 181 -12.57 6.04 0.34
C HIS B 181 -12.74 5.36 1.69
N ALA B 182 -11.98 4.29 1.90
CA ALA B 182 -12.04 3.54 3.15
C ALA B 182 -11.68 4.40 4.35
N LYS B 183 -10.68 5.27 4.17
CA LYS B 183 -10.26 6.16 5.26
C LYS B 183 -11.36 7.13 5.64
N GLN B 184 -12.03 7.70 4.64
CA GLN B 184 -13.11 8.63 4.89
C GLN B 184 -14.28 7.93 5.59
N LEU B 185 -14.65 6.76 5.07
CA LEU B 185 -15.75 5.98 5.62
C LEU B 185 -15.49 5.57 7.07
N TYR B 186 -14.26 5.22 7.38
CA TYR B 186 -13.94 4.82 8.74
C TYR B 186 -14.02 6.01 9.69
N THR B 187 -13.54 7.17 9.23
CA THR B 187 -13.60 8.37 10.07
C THR B 187 -15.06 8.71 10.36
N PHE B 188 -15.90 8.57 9.33
CA PHE B 188 -17.33 8.83 9.47
C PHE B 188 -17.91 7.87 10.53
N ALA B 189 -17.57 6.59 10.41
CA ALA B 189 -18.05 5.57 11.32
C ALA B 189 -17.60 5.81 12.76
N ASP B 190 -16.35 6.22 12.91
CA ASP B 190 -15.77 6.47 14.22
C ASP B 190 -16.28 7.77 14.85
N THR B 191 -16.53 8.78 14.03
CA THR B 191 -16.98 10.06 14.54
C THR B 191 -18.47 10.10 14.91
N TYR B 192 -19.32 9.56 14.04
CA TYR B 192 -20.75 9.55 14.29
C TYR B 192 -21.20 8.14 14.62
N ARG B 193 -21.22 7.84 15.93
CA ARG B 193 -21.60 6.53 16.44
C ARG B 193 -23.08 6.23 16.30
N GLY B 194 -23.40 5.04 15.80
CA GLY B 194 -24.78 4.66 15.65
C GLY B 194 -24.99 3.37 14.88
N VAL B 195 -26.07 2.68 15.19
CA VAL B 195 -26.44 1.45 14.51
C VAL B 195 -27.30 1.85 13.29
N TYR B 196 -26.86 1.43 12.11
CA TYR B 196 -27.53 1.78 10.86
C TYR B 196 -28.99 1.37 10.74
N SER B 197 -29.34 0.26 11.37
CA SER B 197 -30.72 -0.23 11.31
C SER B 197 -31.71 0.68 12.03
N ASP B 198 -31.20 1.70 12.73
CA ASP B 198 -32.03 2.67 13.43
C ASP B 198 -32.40 3.78 12.43
N CYS B 199 -31.66 3.82 11.32
CA CYS B 199 -31.85 4.84 10.30
C CYS B 199 -32.46 4.37 9.00
N VAL B 200 -32.17 3.13 8.60
CA VAL B 200 -32.74 2.58 7.38
C VAL B 200 -33.63 1.39 7.70
N PRO B 201 -34.66 1.14 6.88
CA PRO B 201 -35.62 0.05 7.10
C PRO B 201 -35.06 -1.32 6.74
N ALA B 202 -34.01 -1.72 7.45
CA ALA B 202 -33.38 -3.01 7.20
C ALA B 202 -33.48 -3.94 8.41
N GLY B 203 -34.07 -3.44 9.49
CA GLY B 203 -34.21 -4.21 10.70
C GLY B 203 -34.83 -5.58 10.60
N ALA B 204 -35.86 -5.71 9.77
CA ALA B 204 -36.55 -6.98 9.60
C ALA B 204 -35.75 -7.98 8.77
N PHE B 205 -34.65 -7.51 8.18
CA PHE B 205 -33.85 -8.38 7.33
C PHE B 205 -32.40 -8.52 7.80
N TYR B 206 -31.71 -7.40 7.94
CA TYR B 206 -30.33 -7.39 8.39
C TYR B 206 -30.15 -6.40 9.54
N ASN B 207 -30.81 -6.69 10.64
CA ASN B 207 -30.74 -5.86 11.83
C ASN B 207 -29.35 -5.96 12.45
N SER B 208 -28.85 -4.87 13.01
CA SER B 208 -27.52 -4.86 13.64
C SER B 208 -27.65 -5.41 15.06
N TRP B 209 -27.64 -6.73 15.16
CA TRP B 209 -27.77 -7.41 16.45
C TRP B 209 -26.62 -7.17 17.43
N SER B 210 -25.39 -7.23 16.90
CA SER B 210 -24.19 -7.07 17.73
C SER B 210 -23.78 -5.63 17.96
N GLY B 211 -24.32 -4.71 17.16
CA GLY B 211 -23.93 -3.33 17.30
C GLY B 211 -22.72 -3.07 16.42
N TYR B 212 -22.06 -1.93 16.62
CA TYR B 212 -20.91 -1.57 15.81
C TYR B 212 -19.52 -1.75 16.41
N GLN B 213 -19.44 -2.09 17.69
CA GLN B 213 -18.12 -2.24 18.31
C GLN B 213 -17.20 -3.18 17.56
N ASP B 214 -17.72 -4.32 17.13
CA ASP B 214 -16.93 -5.28 16.39
C ASP B 214 -16.43 -4.72 15.04
N GLU B 215 -17.25 -3.91 14.37
CA GLU B 215 -16.89 -3.34 13.08
C GLU B 215 -15.79 -2.30 13.18
N LEU B 216 -15.69 -1.63 14.34
CA LEU B 216 -14.65 -0.63 14.56
C LEU B 216 -13.27 -1.30 14.65
N VAL B 217 -13.23 -2.48 15.28
CA VAL B 217 -11.98 -3.23 15.43
C VAL B 217 -11.60 -3.82 14.07
N TRP B 218 -12.60 -4.41 13.42
CA TRP B 218 -12.48 -5.04 12.10
C TRP B 218 -12.04 -4.00 11.05
N GLY B 219 -12.73 -2.87 11.00
CA GLY B 219 -12.38 -1.83 10.05
C GLY B 219 -10.98 -1.26 10.28
N ALA B 220 -10.63 -1.04 11.55
CA ALA B 220 -9.31 -0.50 11.90
C ALA B 220 -8.20 -1.46 11.46
N TYR B 221 -8.39 -2.75 11.71
CA TYR B 221 -7.38 -3.73 11.34
C TYR B 221 -7.15 -3.71 9.82
N TRP B 222 -8.23 -3.78 9.05
CA TRP B 222 -8.09 -3.78 7.60
C TRP B 222 -7.45 -2.53 7.02
N LEU B 223 -7.77 -1.37 7.60
CA LEU B 223 -7.18 -0.12 7.14
C LEU B 223 -5.68 -0.16 7.45
N TYR B 224 -5.32 -0.78 8.58
CA TYR B 224 -3.93 -0.92 8.97
C TYR B 224 -3.19 -1.73 7.92
N LYS B 225 -3.78 -2.83 7.49
CA LYS B 225 -3.16 -3.68 6.49
C LYS B 225 -3.05 -3.03 5.12
N ALA B 226 -4.03 -2.19 4.79
CA ALA B 226 -4.04 -1.51 3.50
C ALA B 226 -3.12 -0.30 3.44
N THR B 227 -2.91 0.37 4.58
CA THR B 227 -2.08 1.56 4.64
C THR B 227 -0.71 1.36 5.23
N GLY B 228 -0.64 0.54 6.27
CA GLY B 228 0.62 0.30 6.96
C GLY B 228 0.76 1.35 8.05
N ASP B 229 -0.32 2.09 8.28
CA ASP B 229 -0.36 3.14 9.28
C ASP B 229 -0.54 2.51 10.66
N ASP B 230 0.52 2.53 11.46
CA ASP B 230 0.50 1.96 12.81
C ASP B 230 -0.63 2.44 13.69
N SER B 231 -1.05 3.70 13.52
CA SER B 231 -2.14 4.25 14.31
C SER B 231 -3.42 3.41 14.21
N TYR B 232 -3.66 2.79 13.05
CA TYR B 232 -4.85 1.95 12.86
C TYR B 232 -4.76 0.68 13.71
N LEU B 233 -3.61 0.02 13.69
CA LEU B 233 -3.41 -1.18 14.50
C LEU B 233 -3.61 -0.80 15.95
N ALA B 234 -3.10 0.36 16.33
CA ALA B 234 -3.25 0.86 17.69
C ALA B 234 -4.74 1.05 17.99
N LYS B 235 -5.47 1.60 17.02
CA LYS B 235 -6.91 1.83 17.17
C LYS B 235 -7.64 0.51 17.39
N ALA B 236 -7.29 -0.49 16.60
CA ALA B 236 -7.89 -1.81 16.68
C ALA B 236 -7.67 -2.44 18.04
N GLU B 237 -6.42 -2.46 18.50
CA GLU B 237 -6.09 -3.05 19.79
C GLU B 237 -6.77 -2.33 20.96
N TYR B 238 -7.00 -1.03 20.79
CA TYR B 238 -7.66 -0.24 21.80
C TYR B 238 -9.14 -0.63 21.89
N GLU B 239 -9.80 -0.59 20.74
CA GLU B 239 -11.23 -0.92 20.65
C GLU B 239 -11.53 -2.37 21.02
N TYR B 240 -10.55 -3.25 20.83
CA TYR B 240 -10.71 -4.67 21.12
C TYR B 240 -11.20 -4.96 22.52
N ASP B 241 -10.79 -4.14 23.48
CA ASP B 241 -11.17 -4.34 24.87
C ASP B 241 -12.63 -4.07 25.17
N PHE B 242 -13.33 -3.44 24.23
CA PHE B 242 -14.73 -3.13 24.43
C PHE B 242 -15.63 -4.14 23.72
N LEU B 243 -15.05 -5.25 23.27
CA LEU B 243 -15.82 -6.28 22.59
C LEU B 243 -16.71 -7.01 23.60
N SER B 244 -17.84 -7.52 23.11
CA SER B 244 -18.81 -8.23 23.95
C SER B 244 -18.27 -9.43 24.69
N THR B 245 -18.63 -9.50 25.97
CA THR B 245 -18.25 -10.62 26.83
C THR B 245 -19.44 -11.57 26.78
N GLU B 246 -19.33 -12.72 27.44
CA GLU B 246 -20.45 -13.64 27.42
C GLU B 246 -21.16 -13.87 28.74
N GLN B 247 -22.48 -13.66 28.69
CA GLN B 247 -23.40 -13.82 29.81
C GLN B 247 -23.02 -13.30 31.21
N GLN B 248 -22.27 -14.07 31.97
CA GLN B 248 -21.89 -13.67 33.31
C GLN B 248 -20.40 -13.50 33.53
N THR B 249 -19.60 -14.09 32.65
CA THR B 249 -18.15 -14.01 32.78
C THR B 249 -17.58 -12.84 31.98
N ASP B 250 -16.29 -12.59 32.18
CA ASP B 250 -15.59 -11.53 31.46
C ASP B 250 -14.85 -12.13 30.28
N LEU B 251 -15.33 -13.28 29.82
CA LEU B 251 -14.74 -13.97 28.67
C LEU B 251 -15.44 -13.44 27.44
N ARG B 252 -14.67 -12.99 26.46
CA ARG B 252 -15.25 -12.47 25.23
C ARG B 252 -16.01 -13.55 24.49
N SER B 253 -17.11 -13.16 23.87
CA SER B 253 -17.99 -14.05 23.13
C SER B 253 -17.27 -15.17 22.37
N TYR B 254 -17.71 -16.41 22.58
CA TYR B 254 -17.12 -17.56 21.92
C TYR B 254 -18.15 -18.58 21.44
N ARG B 255 -19.44 -18.34 21.68
CA ARG B 255 -20.48 -19.29 21.28
C ARG B 255 -21.18 -19.10 19.93
N TRP B 256 -20.79 -18.10 19.16
CA TRP B 256 -21.38 -17.90 17.84
C TRP B 256 -20.24 -18.05 16.83
N THR B 257 -20.24 -17.27 15.77
CA THR B 257 -19.17 -17.32 14.78
C THR B 257 -19.23 -16.05 13.93
N ILE B 258 -18.23 -15.85 13.08
CA ILE B 258 -18.20 -14.66 12.25
C ILE B 258 -19.21 -14.78 11.12
N ALA B 259 -19.88 -13.67 10.83
CA ALA B 259 -20.88 -13.61 9.76
C ALA B 259 -21.10 -12.12 9.50
N TRP B 260 -22.04 -11.81 8.60
CA TRP B 260 -22.32 -10.43 8.22
C TRP B 260 -22.54 -9.44 9.36
N ASP B 261 -22.91 -9.93 10.53
CA ASP B 261 -23.20 -9.05 11.67
C ASP B 261 -22.13 -8.92 12.73
N ASP B 262 -21.49 -10.03 13.09
CA ASP B 262 -20.48 -10.01 14.14
C ASP B 262 -19.08 -10.36 13.61
N LYS B 263 -18.15 -9.41 13.72
CA LYS B 263 -16.79 -9.65 13.25
C LYS B 263 -15.79 -9.93 14.36
N SER B 264 -16.27 -9.96 15.60
CA SER B 264 -15.42 -10.20 16.77
C SER B 264 -14.47 -11.38 16.55
N TYR B 265 -15.06 -12.51 16.21
CA TYR B 265 -14.34 -13.75 15.99
C TYR B 265 -13.21 -13.65 14.96
N GLY B 266 -13.43 -12.87 13.90
CA GLY B 266 -12.40 -12.70 12.90
C GLY B 266 -11.24 -11.91 13.47
N THR B 267 -11.53 -10.89 14.28
CA THR B 267 -10.48 -10.07 14.90
C THR B 267 -9.65 -10.85 15.91
N TYR B 268 -10.25 -11.85 16.56
CA TYR B 268 -9.50 -12.66 17.52
C TYR B 268 -8.31 -13.25 16.77
N VAL B 269 -8.62 -13.96 15.67
CA VAL B 269 -7.62 -14.60 14.84
C VAL B 269 -6.66 -13.66 14.11
N LEU B 270 -7.20 -12.59 13.54
CA LEU B 270 -6.38 -11.63 12.82
C LEU B 270 -5.38 -10.93 13.72
N LEU B 271 -5.80 -10.50 14.90
CA LEU B 271 -4.89 -9.84 15.82
C LEU B 271 -3.87 -10.83 16.37
N ALA B 272 -4.32 -12.05 16.63
CA ALA B 272 -3.42 -13.10 17.13
C ALA B 272 -2.33 -13.33 16.10
N LYS B 273 -2.73 -13.33 14.84
CA LYS B 273 -1.85 -13.55 13.70
C LYS B 273 -0.87 -12.38 13.56
N GLU B 274 -1.38 -11.17 13.72
CA GLU B 274 -0.59 -9.95 13.60
C GLU B 274 0.39 -9.70 14.73
N THR B 275 -0.13 -9.63 15.96
CA THR B 275 0.68 -9.34 17.13
C THR B 275 1.34 -10.55 17.81
N GLY B 276 0.61 -11.65 17.87
CA GLY B 276 1.11 -12.85 18.52
C GLY B 276 0.83 -12.83 20.01
N LYS B 277 0.10 -11.82 20.46
CA LYS B 277 -0.24 -11.67 21.87
C LYS B 277 -1.16 -12.77 22.39
N GLN B 278 -0.80 -13.28 23.57
CA GLN B 278 -1.55 -14.34 24.23
C GLN B 278 -3.03 -13.99 24.36
N LYS B 279 -3.29 -12.72 24.60
CA LYS B 279 -4.63 -12.17 24.75
C LYS B 279 -5.58 -12.63 23.65
N TYR B 280 -5.14 -12.49 22.40
CA TYR B 280 -5.94 -12.88 21.24
C TYR B 280 -5.97 -14.39 21.07
N ILE B 281 -4.83 -15.03 21.33
CA ILE B 281 -4.71 -16.47 21.22
C ILE B 281 -5.70 -17.19 22.16
N ASP B 282 -5.87 -16.66 23.35
CA ASP B 282 -6.80 -17.26 24.31
C ASP B 282 -8.23 -17.18 23.79
N ASP B 283 -8.60 -16.02 23.27
CA ASP B 283 -9.94 -15.80 22.73
C ASP B 283 -10.21 -16.69 21.51
N ALA B 284 -9.30 -16.66 20.54
CA ALA B 284 -9.44 -17.47 19.33
C ALA B 284 -9.50 -18.96 19.68
N ASN B 285 -8.64 -19.38 20.61
CA ASN B 285 -8.61 -20.78 21.05
C ASN B 285 -9.93 -21.21 21.67
N ARG B 286 -10.48 -20.38 22.55
CA ARG B 286 -11.73 -20.67 23.24
C ARG B 286 -12.87 -20.85 22.24
N TRP B 287 -12.95 -19.91 21.31
CA TRP B 287 -13.98 -19.92 20.27
C TRP B 287 -13.92 -21.18 19.42
N LEU B 288 -12.76 -21.43 18.81
CA LEU B 288 -12.60 -22.61 17.96
C LEU B 288 -12.71 -23.92 18.71
N ASP B 289 -12.39 -23.90 20.00
CA ASP B 289 -12.50 -25.10 20.82
C ASP B 289 -13.98 -25.42 20.98
N TYR B 290 -14.79 -24.40 21.21
CA TYR B 290 -16.23 -24.57 21.37
C TYR B 290 -16.86 -25.25 20.14
N TRP B 291 -16.33 -24.94 18.97
CA TRP B 291 -16.81 -25.50 17.72
C TRP B 291 -16.28 -26.90 17.45
N THR B 292 -15.32 -27.34 18.26
CA THR B 292 -14.71 -28.65 18.05
C THR B 292 -14.79 -29.61 19.24
N VAL B 293 -14.00 -29.35 20.27
CA VAL B 293 -13.98 -30.22 21.45
C VAL B 293 -14.91 -29.73 22.55
N GLY B 294 -15.35 -28.49 22.45
CA GLY B 294 -16.22 -27.92 23.45
C GLY B 294 -15.41 -27.28 24.57
N VAL B 295 -16.04 -26.38 25.30
CA VAL B 295 -15.40 -25.69 26.42
C VAL B 295 -16.34 -25.73 27.62
N ASN B 296 -15.85 -26.25 28.74
CA ASN B 296 -16.65 -26.34 29.96
C ASN B 296 -17.89 -27.20 29.75
N GLY B 297 -17.74 -28.28 28.98
CA GLY B 297 -18.86 -29.17 28.72
C GLY B 297 -19.86 -28.68 27.69
N GLN B 298 -19.65 -27.47 27.18
CA GLN B 298 -20.54 -26.90 26.19
C GLN B 298 -19.86 -26.98 24.82
N ARG B 299 -20.64 -27.32 23.80
CA ARG B 299 -20.12 -27.48 22.45
C ARG B 299 -21.22 -27.17 21.45
N VAL B 300 -20.83 -26.70 20.26
CA VAL B 300 -21.79 -26.39 19.23
C VAL B 300 -22.51 -27.69 18.84
N PRO B 301 -23.83 -27.63 18.61
CA PRO B 301 -24.55 -28.85 18.23
C PRO B 301 -23.97 -29.50 16.99
N TYR B 302 -23.88 -30.82 17.02
CA TYR B 302 -23.36 -31.60 15.91
C TYR B 302 -24.43 -32.62 15.54
N SER B 303 -24.53 -32.91 14.25
CA SER B 303 -25.48 -33.89 13.76
C SER B 303 -24.77 -35.24 13.77
N PRO B 304 -25.51 -36.35 13.66
CA PRO B 304 -24.89 -37.67 13.58
C PRO B 304 -23.94 -37.78 12.37
N GLY B 305 -24.19 -36.96 11.35
CA GLY B 305 -23.35 -36.98 10.16
C GLY B 305 -22.06 -36.21 10.31
N GLY B 306 -21.95 -35.43 11.40
CA GLY B 306 -20.75 -34.67 11.63
C GLY B 306 -20.82 -33.21 11.22
N MET B 307 -22.04 -32.69 11.07
CA MET B 307 -22.21 -31.30 10.70
C MET B 307 -22.40 -30.43 11.94
N ALA B 308 -21.69 -29.31 11.98
CA ALA B 308 -21.82 -28.37 13.09
C ALA B 308 -23.01 -27.51 12.71
N VAL B 309 -24.07 -27.58 13.51
CA VAL B 309 -25.28 -26.82 13.23
C VAL B 309 -25.49 -25.72 14.27
N LEU B 310 -25.18 -24.50 13.89
CA LEU B 310 -25.30 -23.37 14.79
C LEU B 310 -26.69 -22.77 14.89
N ASP B 311 -27.40 -22.76 13.77
CA ASP B 311 -28.73 -22.16 13.74
C ASP B 311 -29.49 -22.70 12.54
N THR B 312 -30.80 -22.52 12.53
CA THR B 312 -31.64 -23.00 11.43
C THR B 312 -31.41 -22.26 10.11
N TRP B 313 -31.13 -20.97 10.19
CA TRP B 313 -30.91 -20.13 9.02
C TRP B 313 -29.47 -20.19 8.51
N GLY B 314 -29.29 -20.57 7.25
CA GLY B 314 -27.96 -20.64 6.66
C GLY B 314 -26.94 -21.40 7.49
N ALA B 315 -27.35 -22.57 8.00
CA ALA B 315 -26.47 -23.40 8.80
C ALA B 315 -25.15 -23.68 8.11
N LEU B 316 -25.21 -24.08 6.85
CA LEU B 316 -23.98 -24.38 6.11
C LEU B 316 -23.08 -23.14 6.02
N ARG B 317 -23.70 -21.97 5.94
CA ARG B 317 -22.94 -20.72 5.85
C ARG B 317 -22.12 -20.49 7.12
N TYR B 318 -22.73 -20.71 8.27
CA TYR B 318 -22.03 -20.54 9.55
C TYR B 318 -20.84 -21.50 9.64
N ALA B 319 -21.07 -22.76 9.26
CA ALA B 319 -20.03 -23.79 9.27
C ALA B 319 -18.89 -23.44 8.31
N ALA B 320 -19.25 -22.95 7.12
CA ALA B 320 -18.25 -22.57 6.11
C ALA B 320 -17.45 -21.38 6.60
N ASN B 321 -18.13 -20.43 7.23
CA ASN B 321 -17.47 -19.25 7.77
C ASN B 321 -16.43 -19.70 8.80
N THR B 322 -16.85 -20.55 9.72
CA THR B 322 -15.97 -21.06 10.77
C THR B 322 -14.81 -21.86 10.17
N ALA B 323 -15.11 -22.68 9.17
CA ALA B 323 -14.10 -23.51 8.52
C ALA B 323 -12.99 -22.65 7.90
N PHE B 324 -13.35 -21.54 7.26
CA PHE B 324 -12.34 -20.68 6.64
C PHE B 324 -11.38 -20.11 7.69
N VAL B 325 -11.91 -19.42 8.69
CA VAL B 325 -11.07 -18.83 9.73
C VAL B 325 -10.24 -19.88 10.46
N ALA B 326 -10.78 -21.08 10.63
CA ALA B 326 -10.05 -22.17 11.30
C ALA B 326 -8.84 -22.57 10.48
N LEU B 327 -8.97 -22.54 9.16
CA LEU B 327 -7.86 -22.89 8.26
C LEU B 327 -6.77 -21.82 8.40
N VAL B 328 -7.19 -20.57 8.48
CA VAL B 328 -6.27 -19.45 8.62
C VAL B 328 -5.50 -19.59 9.94
N TYR B 329 -6.25 -19.80 11.02
CA TYR B 329 -5.67 -19.92 12.35
C TYR B 329 -4.74 -21.12 12.49
N ALA B 330 -5.14 -22.24 11.91
CA ALA B 330 -4.36 -23.46 11.98
C ALA B 330 -2.94 -23.22 11.50
N LYS B 331 -2.78 -22.30 10.55
CA LYS B 331 -1.47 -21.99 10.01
C LYS B 331 -0.55 -21.21 10.95
N VAL B 332 -1.13 -20.36 11.79
CA VAL B 332 -0.33 -19.53 12.69
C VAL B 332 -0.01 -20.16 14.05
N ILE B 333 -0.93 -20.98 14.55
CA ILE B 333 -0.74 -21.62 15.85
C ILE B 333 0.37 -22.68 15.77
N ASP B 334 1.16 -22.78 16.84
CA ASP B 334 2.25 -23.74 16.89
C ASP B 334 1.86 -25.07 17.53
N ASP B 335 0.80 -25.05 18.33
CA ASP B 335 0.33 -26.26 19.00
C ASP B 335 -0.15 -27.29 17.98
N PRO B 336 0.58 -28.39 17.84
CA PRO B 336 0.27 -29.46 16.87
C PRO B 336 -1.13 -30.04 17.04
N VAL B 337 -1.54 -30.23 18.30
CA VAL B 337 -2.85 -30.78 18.58
C VAL B 337 -3.94 -29.84 18.10
N ARG B 338 -3.81 -28.55 18.45
CA ARG B 338 -4.80 -27.55 18.03
C ARG B 338 -4.79 -27.36 16.52
N LYS B 339 -3.60 -27.33 15.94
CA LYS B 339 -3.43 -27.15 14.51
C LYS B 339 -4.18 -28.25 13.76
N GLN B 340 -4.01 -29.51 14.20
CA GLN B 340 -4.67 -30.65 13.58
C GLN B 340 -6.19 -30.57 13.76
N ARG B 341 -6.60 -30.31 15.00
CA ARG B 341 -8.01 -30.21 15.36
C ARG B 341 -8.77 -29.21 14.48
N TYR B 342 -8.26 -27.99 14.43
CA TYR B 342 -8.88 -26.91 13.66
C TYR B 342 -8.88 -27.21 12.18
N HIS B 343 -7.73 -27.66 11.67
CA HIS B 343 -7.63 -27.98 10.25
C HIS B 343 -8.56 -29.09 9.81
N ASP B 344 -8.64 -30.17 10.60
CA ASP B 344 -9.48 -31.31 10.25
C ASP B 344 -10.95 -30.96 10.33
N PHE B 345 -11.31 -30.13 11.29
CA PHE B 345 -12.68 -29.67 11.45
C PHE B 345 -13.08 -28.90 10.19
N ALA B 346 -12.19 -28.02 9.74
CA ALA B 346 -12.43 -27.21 8.56
C ALA B 346 -12.72 -28.05 7.32
N VAL B 347 -11.82 -28.97 7.01
CA VAL B 347 -11.99 -29.83 5.87
C VAL B 347 -13.27 -30.66 5.98
N ARG B 348 -13.59 -31.11 7.19
CA ARG B 348 -14.80 -31.90 7.40
C ARG B 348 -16.06 -31.14 7.00
N GLN B 349 -16.22 -29.93 7.53
CA GLN B 349 -17.40 -29.10 7.23
C GLN B 349 -17.54 -28.78 5.74
N ILE B 350 -16.44 -28.41 5.09
CA ILE B 350 -16.49 -28.10 3.66
C ILE B 350 -16.84 -29.37 2.87
N ASN B 351 -16.22 -30.49 3.23
CA ASN B 351 -16.48 -31.76 2.54
C ASN B 351 -17.94 -32.16 2.71
N TYR B 352 -18.51 -31.87 3.89
CA TYR B 352 -19.89 -32.19 4.17
C TYR B 352 -20.77 -31.44 3.17
N ALA B 353 -20.49 -30.16 3.00
CA ALA B 353 -21.25 -29.30 2.08
C ALA B 353 -21.10 -29.76 0.64
N LEU B 354 -19.95 -30.35 0.31
CA LEU B 354 -19.70 -30.81 -1.04
C LEU B 354 -20.27 -32.22 -1.34
N GLY B 355 -20.74 -32.91 -0.31
CA GLY B 355 -21.32 -34.23 -0.54
C GLY B 355 -21.02 -35.32 0.47
N ASP B 356 -19.99 -35.12 1.29
CA ASP B 356 -19.62 -36.12 2.28
C ASP B 356 -20.59 -36.02 3.46
N ASN B 357 -21.79 -36.57 3.28
CA ASN B 357 -22.82 -36.54 4.32
C ASN B 357 -23.73 -37.77 4.19
N PRO B 358 -24.65 -37.97 5.16
CA PRO B 358 -25.55 -39.12 5.11
C PRO B 358 -26.39 -39.18 3.83
N ARG B 359 -26.67 -38.03 3.24
CA ARG B 359 -27.48 -38.00 2.02
C ARG B 359 -26.62 -38.24 0.80
N ASN B 360 -25.30 -38.15 0.98
CA ASN B 360 -24.37 -38.35 -0.13
C ASN B 360 -24.67 -37.37 -1.25
N SER B 361 -25.21 -36.21 -0.88
CA SER B 361 -25.59 -35.20 -1.87
C SER B 361 -24.93 -33.84 -1.64
N SER B 362 -24.53 -33.22 -2.74
CA SER B 362 -23.91 -31.91 -2.71
C SER B 362 -24.95 -30.89 -2.29
N TYR B 363 -24.52 -29.84 -1.61
CA TYR B 363 -25.41 -28.76 -1.18
C TYR B 363 -25.04 -27.51 -1.97
N VAL B 364 -24.30 -27.68 -3.05
CA VAL B 364 -23.89 -26.57 -3.91
C VAL B 364 -24.60 -26.78 -5.24
N VAL B 365 -25.46 -25.83 -5.61
CA VAL B 365 -26.21 -25.93 -6.87
C VAL B 365 -25.28 -26.14 -8.07
N GLY B 366 -25.66 -27.06 -8.94
CA GLY B 366 -24.88 -27.34 -10.13
C GLY B 366 -23.53 -27.97 -9.90
N PHE B 367 -23.32 -28.58 -8.75
CA PHE B 367 -22.05 -29.23 -8.46
C PHE B 367 -22.23 -30.56 -7.76
N GLY B 368 -21.32 -31.48 -8.06
CA GLY B 368 -21.33 -32.80 -7.43
C GLY B 368 -22.53 -33.69 -7.67
N ASN B 369 -22.74 -34.61 -6.74
CA ASN B 369 -23.83 -35.57 -6.83
C ASN B 369 -25.14 -35.13 -6.20
N ASN B 370 -26.22 -35.22 -6.98
CA ASN B 370 -27.55 -34.90 -6.51
C ASN B 370 -27.68 -33.54 -5.81
N PRO B 371 -27.24 -32.46 -6.47
CA PRO B 371 -27.30 -31.11 -5.89
C PRO B 371 -28.71 -30.55 -5.88
N PRO B 372 -28.93 -29.49 -5.09
CA PRO B 372 -30.23 -28.81 -5.07
C PRO B 372 -30.52 -28.27 -6.47
N ARG B 373 -31.76 -28.49 -6.93
CA ARG B 373 -32.18 -28.03 -8.24
C ARG B 373 -33.11 -26.82 -8.18
N ASN B 374 -33.78 -26.62 -7.05
CA ASN B 374 -34.72 -25.52 -6.92
C ASN B 374 -34.44 -24.55 -5.79
N PRO B 375 -33.29 -23.85 -5.84
CA PRO B 375 -33.04 -22.84 -4.82
C PRO B 375 -34.03 -21.68 -4.88
N HIS B 376 -34.36 -21.16 -3.70
CA HIS B 376 -35.28 -20.05 -3.54
C HIS B 376 -34.62 -18.82 -4.18
N HIS B 377 -34.77 -18.68 -5.48
CA HIS B 377 -34.15 -17.57 -6.23
C HIS B 377 -35.11 -17.19 -7.38
N ARG B 378 -35.61 -15.96 -7.36
CA ARG B 378 -36.55 -15.48 -8.38
C ARG B 378 -36.11 -15.59 -9.84
N THR B 379 -34.99 -14.97 -10.20
CA THR B 379 -34.51 -14.98 -11.57
C THR B 379 -34.11 -16.37 -12.07
N ALA B 380 -33.54 -17.20 -11.20
CA ALA B 380 -33.14 -18.55 -11.59
C ALA B 380 -34.38 -19.39 -11.86
N HIS B 381 -35.42 -19.14 -11.07
CA HIS B 381 -36.68 -19.84 -11.25
C HIS B 381 -37.25 -19.44 -12.61
N GLY B 382 -37.45 -18.15 -12.84
CA GLY B 382 -37.95 -17.69 -14.11
C GLY B 382 -39.45 -17.78 -14.32
N SER B 383 -40.22 -17.58 -13.26
CA SER B 383 -41.67 -17.62 -13.33
C SER B 383 -42.15 -16.44 -14.17
N TRP B 384 -43.23 -16.63 -14.93
CA TRP B 384 -43.79 -15.54 -15.73
C TRP B 384 -45.20 -15.22 -15.24
N THR B 385 -45.62 -15.91 -14.19
CA THR B 385 -46.95 -15.75 -13.62
C THR B 385 -46.98 -15.26 -12.17
N ASP B 386 -45.89 -14.64 -11.71
CA ASP B 386 -45.81 -14.10 -10.36
C ASP B 386 -46.13 -15.22 -9.37
N SER B 387 -45.54 -16.39 -9.60
CA SER B 387 -45.78 -17.51 -8.73
C SER B 387 -44.55 -18.32 -8.41
N ILE B 388 -44.34 -18.57 -7.12
CA ILE B 388 -43.20 -19.35 -6.66
C ILE B 388 -43.39 -20.83 -7.00
N ALA B 389 -44.62 -21.22 -7.32
CA ALA B 389 -44.90 -22.61 -7.62
C ALA B 389 -44.82 -23.00 -9.09
N SER B 390 -44.91 -22.02 -9.98
CA SER B 390 -44.89 -22.32 -11.41
C SER B 390 -43.84 -21.54 -12.17
N PRO B 391 -43.01 -22.21 -12.99
CA PRO B 391 -43.00 -23.66 -13.23
C PRO B 391 -42.49 -24.47 -12.03
N ALA B 392 -42.63 -25.79 -12.10
CA ALA B 392 -42.20 -26.68 -11.01
C ALA B 392 -40.71 -26.63 -10.71
N GLU B 393 -39.89 -26.71 -11.75
CA GLU B 393 -38.44 -26.68 -11.58
C GLU B 393 -37.88 -25.33 -12.02
N ASN B 394 -36.80 -24.89 -11.39
CA ASN B 394 -36.16 -23.63 -11.78
C ASN B 394 -35.77 -23.78 -13.25
N ARG B 395 -35.95 -22.73 -14.03
CA ARG B 395 -35.60 -22.76 -15.45
C ARG B 395 -34.11 -22.62 -15.72
N HIS B 396 -33.35 -22.12 -14.74
CA HIS B 396 -31.92 -21.94 -14.92
C HIS B 396 -31.15 -22.64 -13.82
N VAL B 397 -29.88 -22.96 -14.09
CA VAL B 397 -29.03 -23.62 -13.11
C VAL B 397 -28.13 -22.56 -12.50
N LEU B 398 -28.38 -22.24 -11.24
CA LEU B 398 -27.59 -21.24 -10.52
C LEU B 398 -26.29 -21.88 -10.04
N TYR B 399 -25.39 -22.19 -10.97
CA TYR B 399 -24.10 -22.83 -10.64
C TYR B 399 -23.36 -22.20 -9.48
N GLY B 400 -22.85 -23.05 -8.59
CA GLY B 400 -22.04 -22.60 -7.47
C GLY B 400 -22.65 -22.04 -6.20
N ALA B 401 -23.96 -21.86 -6.17
CA ALA B 401 -24.60 -21.31 -4.99
C ALA B 401 -24.75 -22.33 -3.86
N LEU B 402 -24.35 -21.93 -2.64
CA LEU B 402 -24.46 -22.80 -1.47
C LEU B 402 -25.80 -22.52 -0.81
N VAL B 403 -26.58 -23.55 -0.58
CA VAL B 403 -27.89 -23.36 0.05
C VAL B 403 -27.79 -23.34 1.58
N GLY B 404 -28.90 -23.03 2.27
CA GLY B 404 -28.87 -22.99 3.72
C GLY B 404 -28.52 -24.35 4.29
N GLY B 405 -29.05 -25.41 3.69
CA GLY B 405 -28.79 -26.76 4.16
C GLY B 405 -29.61 -27.12 5.39
N PRO B 406 -29.35 -28.30 6.00
CA PRO B 406 -30.08 -28.74 7.20
C PRO B 406 -30.01 -27.72 8.34
N GLY B 407 -31.17 -27.26 8.78
CA GLY B 407 -31.22 -26.29 9.86
C GLY B 407 -31.23 -26.92 11.25
N SER B 408 -31.29 -28.24 11.28
CA SER B 408 -31.29 -28.98 12.54
C SER B 408 -30.22 -30.07 12.48
N PRO B 409 -29.70 -30.49 13.64
CA PRO B 409 -28.65 -31.51 13.70
C PRO B 409 -29.11 -32.94 13.41
N ASN B 410 -29.82 -33.12 12.29
CA ASN B 410 -30.31 -34.44 11.91
C ASN B 410 -30.02 -34.78 10.45
N ASP B 411 -29.20 -33.95 9.81
CA ASP B 411 -28.82 -34.14 8.42
C ASP B 411 -30.00 -34.21 7.45
N ALA B 412 -31.18 -33.80 7.91
CA ALA B 412 -32.37 -33.87 7.07
C ALA B 412 -32.51 -32.63 6.21
N TYR B 413 -32.86 -32.83 4.94
CA TYR B 413 -33.03 -31.74 3.99
C TYR B 413 -33.91 -32.11 2.80
N THR B 414 -34.70 -31.14 2.34
CA THR B 414 -35.58 -31.32 1.20
C THR B 414 -35.42 -30.14 0.25
N ASP B 415 -35.23 -30.42 -1.03
CA ASP B 415 -35.06 -29.40 -2.06
C ASP B 415 -36.40 -28.76 -2.43
N ASP B 416 -36.88 -27.88 -1.57
CA ASP B 416 -38.14 -27.19 -1.78
C ASP B 416 -37.87 -25.70 -1.95
N ARG B 417 -38.21 -25.17 -3.12
CA ARG B 417 -38.00 -23.76 -3.44
C ARG B 417 -38.76 -22.84 -2.50
N GLN B 418 -39.85 -23.36 -1.92
CA GLN B 418 -40.66 -22.56 -1.02
C GLN B 418 -40.11 -22.48 0.40
N ASP B 419 -39.03 -23.23 0.67
CA ASP B 419 -38.40 -23.22 1.98
C ASP B 419 -37.22 -22.25 1.96
N TYR B 420 -37.47 -20.97 2.23
CA TYR B 420 -36.39 -20.00 2.22
C TYR B 420 -35.48 -20.09 3.44
N VAL B 421 -35.85 -20.91 4.42
CA VAL B 421 -35.01 -21.05 5.59
C VAL B 421 -33.85 -22.00 5.31
N ALA B 422 -34.14 -23.10 4.60
CA ALA B 422 -33.12 -24.09 4.28
C ALA B 422 -32.69 -24.12 2.82
N ASN B 423 -33.50 -23.56 1.94
CA ASN B 423 -33.17 -23.56 0.52
C ASN B 423 -32.87 -22.18 -0.07
N GLU B 424 -32.51 -21.25 0.81
CA GLU B 424 -32.17 -19.89 0.41
C GLU B 424 -30.70 -19.83 -0.05
N VAL B 425 -30.42 -18.90 -0.96
CA VAL B 425 -29.07 -18.65 -1.45
C VAL B 425 -28.79 -17.19 -1.16
N ALA B 426 -27.53 -16.80 -1.02
CA ALA B 426 -27.19 -15.42 -0.72
C ALA B 426 -25.71 -15.14 -0.94
N THR B 427 -25.35 -13.89 -1.15
CA THR B 427 -23.94 -13.53 -1.39
C THR B 427 -23.06 -13.83 -0.18
N ASP B 428 -23.54 -13.57 1.02
CA ASP B 428 -22.74 -13.85 2.21
C ASP B 428 -22.59 -15.36 2.45
N TYR B 429 -23.50 -16.17 1.91
CA TYR B 429 -23.45 -17.62 2.06
C TYR B 429 -22.22 -18.20 1.38
N ASN B 430 -21.84 -17.61 0.26
CA ASN B 430 -20.69 -18.06 -0.52
C ASN B 430 -19.37 -17.35 -0.20
N ALA B 431 -19.40 -16.36 0.68
CA ALA B 431 -18.20 -15.60 1.04
C ALA B 431 -17.16 -16.44 1.77
N GLY B 432 -17.50 -16.89 2.98
CA GLY B 432 -16.57 -17.72 3.73
C GLY B 432 -16.27 -18.98 2.96
N PHE B 433 -17.32 -19.57 2.39
CA PHE B 433 -17.21 -20.80 1.62
C PHE B 433 -16.14 -20.69 0.51
N SER B 434 -16.16 -19.60 -0.25
CA SER B 434 -15.20 -19.39 -1.33
C SER B 434 -13.77 -19.31 -0.82
N SER B 435 -13.58 -18.56 0.26
CA SER B 435 -12.27 -18.40 0.85
C SER B 435 -11.71 -19.74 1.34
N ALA B 436 -12.56 -20.57 1.93
CA ALA B 436 -12.14 -21.88 2.41
C ALA B 436 -11.72 -22.73 1.22
N LEU B 437 -12.48 -22.65 0.13
CA LEU B 437 -12.17 -23.42 -1.08
C LEU B 437 -10.80 -23.03 -1.63
N ALA B 438 -10.51 -21.73 -1.63
CA ALA B 438 -9.24 -21.23 -2.12
C ALA B 438 -8.09 -21.84 -1.31
N MET B 439 -8.28 -21.97 0.00
CA MET B 439 -7.27 -22.55 0.90
C MET B 439 -7.07 -24.02 0.53
N LEU B 440 -8.17 -24.75 0.42
CA LEU B 440 -8.16 -26.16 0.09
C LEU B 440 -7.56 -26.47 -1.26
N VAL B 441 -7.82 -25.64 -2.26
CA VAL B 441 -7.25 -25.87 -3.59
C VAL B 441 -5.72 -25.77 -3.47
N GLU B 442 -5.26 -24.73 -2.78
CA GLU B 442 -3.83 -24.54 -2.58
C GLU B 442 -3.18 -25.75 -1.91
N GLU B 443 -3.92 -26.38 -0.99
CA GLU B 443 -3.41 -27.53 -0.26
C GLU B 443 -3.63 -28.90 -0.90
N TYR B 444 -4.83 -29.14 -1.44
CA TYR B 444 -5.14 -30.44 -2.04
C TYR B 444 -5.19 -30.46 -3.56
N GLY B 445 -5.35 -29.29 -4.18
CA GLY B 445 -5.41 -29.23 -5.63
C GLY B 445 -6.80 -29.37 -6.22
N GLY B 446 -6.84 -29.56 -7.52
CA GLY B 446 -8.09 -29.72 -8.24
C GLY B 446 -7.94 -29.04 -9.58
N THR B 447 -8.78 -29.40 -10.54
CA THR B 447 -8.70 -28.79 -11.86
C THR B 447 -10.06 -28.24 -12.27
N PRO B 448 -10.10 -26.98 -12.71
CA PRO B 448 -11.36 -26.35 -13.14
C PRO B 448 -11.83 -26.97 -14.46
N LEU B 449 -13.12 -26.86 -14.73
CA LEU B 449 -13.68 -27.39 -15.97
C LEU B 449 -13.21 -26.52 -17.13
N ALA B 450 -12.95 -27.15 -18.26
CA ALA B 450 -12.49 -26.44 -19.46
C ALA B 450 -13.62 -25.71 -20.16
N ASP B 451 -14.74 -26.40 -20.35
CA ASP B 451 -15.90 -25.81 -21.03
C ASP B 451 -17.01 -25.34 -20.08
N PHE B 452 -16.71 -24.29 -19.32
CA PHE B 452 -17.66 -23.72 -18.37
C PHE B 452 -17.69 -22.21 -18.64
N PRO B 453 -18.88 -21.60 -18.61
CA PRO B 453 -20.19 -22.20 -18.34
C PRO B 453 -20.82 -22.87 -19.55
N PRO B 454 -21.69 -23.86 -19.33
CA PRO B 454 -22.45 -24.46 -20.43
C PRO B 454 -23.53 -23.45 -20.78
N THR B 455 -23.72 -23.18 -22.07
CA THR B 455 -24.76 -22.23 -22.46
C THR B 455 -26.11 -22.95 -22.45
N GLU B 456 -27.06 -22.38 -21.72
CA GLU B 456 -28.40 -22.93 -21.61
C GLU B 456 -29.22 -22.60 -22.84
N GLU B 457 -30.17 -23.45 -23.14
CA GLU B 457 -31.05 -23.22 -24.28
C GLU B 457 -32.46 -23.08 -23.76
N PRO B 458 -33.24 -22.15 -24.33
CA PRO B 458 -34.63 -21.93 -23.93
C PRO B 458 -35.45 -23.21 -23.88
N ASP B 459 -36.39 -23.26 -22.95
CA ASP B 459 -37.26 -24.42 -22.78
C ASP B 459 -38.43 -24.43 -23.78
N GLY B 460 -38.38 -23.52 -24.75
CA GLY B 460 -39.43 -23.43 -25.76
C GLY B 460 -39.37 -22.05 -26.39
N PRO B 461 -40.42 -21.62 -27.12
CA PRO B 461 -40.43 -20.26 -27.64
C PRO B 461 -40.58 -19.34 -26.43
N GLU B 462 -39.86 -18.24 -26.43
CA GLU B 462 -39.95 -17.33 -25.32
C GLU B 462 -41.05 -16.32 -25.56
N ILE B 463 -41.02 -15.67 -26.73
CA ILE B 463 -42.01 -14.67 -27.08
C ILE B 463 -42.66 -15.19 -28.36
N PHE B 464 -43.96 -15.48 -28.30
CA PHE B 464 -44.66 -16.03 -29.45
C PHE B 464 -46.15 -15.66 -29.49
N VAL B 465 -46.82 -16.14 -30.54
CA VAL B 465 -48.24 -15.89 -30.74
C VAL B 465 -48.94 -17.23 -30.90
N GLU B 466 -50.06 -17.38 -30.19
CA GLU B 466 -50.86 -18.59 -30.26
C GLU B 466 -52.13 -18.15 -30.96
N ALA B 467 -52.81 -19.08 -31.62
CA ALA B 467 -54.04 -18.74 -32.30
C ALA B 467 -54.97 -19.93 -32.39
N GLN B 468 -56.24 -19.63 -32.62
CA GLN B 468 -57.26 -20.64 -32.77
C GLN B 468 -58.42 -19.96 -33.46
N ILE B 469 -59.25 -20.74 -34.14
CA ILE B 469 -60.42 -20.21 -34.81
C ILE B 469 -61.44 -19.97 -33.70
N ASN B 470 -61.88 -18.73 -33.57
CA ASN B 470 -62.82 -18.35 -32.53
C ASN B 470 -64.26 -18.74 -32.90
N THR B 471 -64.66 -18.37 -34.10
CA THR B 471 -66.00 -18.64 -34.61
C THR B 471 -65.86 -19.05 -36.07
N PRO B 472 -66.29 -20.26 -36.43
CA PRO B 472 -66.22 -20.69 -37.83
C PRO B 472 -67.12 -19.81 -38.71
N GLY B 473 -66.64 -19.53 -39.91
CA GLY B 473 -67.39 -18.70 -40.83
C GLY B 473 -66.98 -19.01 -42.24
N THR B 474 -67.76 -18.52 -43.19
CA THR B 474 -67.48 -18.75 -44.60
C THR B 474 -67.17 -17.44 -45.33
N THR B 475 -67.79 -16.37 -44.89
CA THR B 475 -67.58 -15.06 -45.49
C THR B 475 -66.59 -14.24 -44.65
N PHE B 476 -66.05 -14.87 -43.62
CA PHE B 476 -65.10 -14.22 -42.72
C PHE B 476 -64.24 -15.26 -42.01
N THR B 477 -63.18 -14.78 -41.37
CA THR B 477 -62.29 -15.64 -40.59
C THR B 477 -62.15 -14.88 -39.28
N GLU B 478 -62.53 -15.52 -38.18
CA GLU B 478 -62.43 -14.88 -36.88
C GLU B 478 -61.41 -15.63 -36.04
N ILE B 479 -60.29 -14.97 -35.77
CA ILE B 479 -59.19 -15.55 -35.02
C ILE B 479 -59.13 -15.01 -33.60
N LYS B 480 -58.69 -15.86 -32.68
CA LYS B 480 -58.47 -15.46 -31.29
C LYS B 480 -56.98 -15.69 -31.08
N ALA B 481 -56.20 -14.62 -31.18
CA ALA B 481 -54.75 -14.71 -31.02
C ALA B 481 -54.34 -14.36 -29.59
N MET B 482 -53.18 -14.86 -29.19
CA MET B 482 -52.67 -14.63 -27.85
C MET B 482 -51.16 -14.36 -27.91
N ILE B 483 -50.75 -13.14 -27.59
CA ILE B 483 -49.32 -12.81 -27.58
C ILE B 483 -48.79 -13.25 -26.22
N ARG B 484 -47.69 -13.98 -26.22
CA ARG B 484 -47.09 -14.48 -24.98
C ARG B 484 -45.64 -14.05 -24.83
N ASN B 485 -45.28 -13.61 -23.63
CA ASN B 485 -43.90 -13.23 -23.35
C ASN B 485 -43.51 -14.01 -22.10
N GLN B 486 -42.91 -15.17 -22.32
CA GLN B 486 -42.45 -16.04 -21.25
C GLN B 486 -40.94 -16.17 -21.38
N SER B 487 -40.29 -15.06 -21.71
CA SER B 487 -38.85 -15.03 -21.88
C SER B 487 -38.06 -15.29 -20.60
N GLY B 488 -36.90 -15.92 -20.75
CA GLY B 488 -36.06 -16.23 -19.61
C GLY B 488 -34.57 -16.34 -19.95
N TRP B 489 -34.20 -16.01 -21.19
CA TRP B 489 -32.79 -16.11 -21.61
C TRP B 489 -32.30 -14.88 -22.39
N PRO B 490 -32.36 -13.69 -21.77
CA PRO B 490 -32.88 -13.41 -20.44
C PRO B 490 -34.32 -12.93 -20.51
N ALA B 491 -34.95 -12.75 -19.35
CA ALA B 491 -36.30 -12.24 -19.31
C ALA B 491 -36.19 -10.85 -19.90
N ARG B 492 -37.14 -10.49 -20.76
CA ARG B 492 -37.12 -9.17 -21.40
C ARG B 492 -38.51 -8.61 -21.68
N MET B 493 -38.57 -7.29 -21.79
CA MET B 493 -39.80 -6.55 -22.05
C MET B 493 -40.15 -6.46 -23.53
N LEU B 494 -41.44 -6.53 -23.82
CA LEU B 494 -41.95 -6.39 -25.19
C LEU B 494 -43.00 -5.29 -25.10
N ASP B 495 -42.61 -4.04 -25.38
CA ASP B 495 -43.55 -2.94 -25.32
C ASP B 495 -43.78 -2.26 -26.68
N LYS B 496 -43.21 -2.84 -27.73
CA LYS B 496 -43.36 -2.28 -29.06
C LYS B 496 -43.73 -3.38 -30.06
N GLY B 497 -44.60 -4.29 -29.62
CA GLY B 497 -45.01 -5.39 -30.48
C GLY B 497 -46.18 -5.15 -31.41
N THR B 498 -46.11 -5.79 -32.57
CA THR B 498 -47.16 -5.72 -33.58
C THR B 498 -47.10 -7.06 -34.31
N PHE B 499 -48.19 -7.50 -34.89
CA PHE B 499 -48.11 -8.75 -35.64
C PHE B 499 -48.90 -8.65 -36.93
N ARG B 500 -48.47 -9.42 -37.92
CA ARG B 500 -49.12 -9.43 -39.22
C ARG B 500 -49.76 -10.76 -39.54
N TYR B 501 -50.91 -10.68 -40.18
CA TYR B 501 -51.65 -11.85 -40.60
C TYR B 501 -51.82 -11.67 -42.11
N TRP B 502 -51.13 -12.48 -42.88
CA TRP B 502 -51.19 -12.43 -44.35
C TRP B 502 -52.30 -13.30 -44.91
N PHE B 503 -52.92 -12.81 -45.98
CA PHE B 503 -53.99 -13.55 -46.66
C PHE B 503 -53.96 -13.23 -48.16
N THR B 504 -54.50 -14.15 -48.96
CA THR B 504 -54.56 -13.99 -50.40
C THR B 504 -55.95 -13.54 -50.81
N LEU B 505 -56.03 -12.42 -51.50
CA LEU B 505 -57.30 -11.87 -51.98
C LEU B 505 -57.90 -12.87 -52.95
N ASP B 506 -59.17 -13.19 -52.77
CA ASP B 506 -59.84 -14.16 -53.60
C ASP B 506 -60.64 -13.57 -54.73
N GLU B 507 -61.06 -14.44 -55.64
CA GLU B 507 -61.85 -14.06 -56.80
C GLU B 507 -63.20 -13.52 -56.35
N GLY B 508 -63.52 -12.30 -56.78
CA GLY B 508 -64.80 -11.70 -56.44
C GLY B 508 -64.80 -10.91 -55.15
N VAL B 509 -63.63 -10.79 -54.53
CA VAL B 509 -63.51 -10.05 -53.28
C VAL B 509 -62.77 -8.73 -53.51
N ASP B 510 -63.50 -7.64 -53.32
CA ASP B 510 -62.97 -6.29 -53.48
C ASP B 510 -62.31 -5.93 -52.15
N PRO B 511 -61.01 -5.59 -52.18
CA PRO B 511 -60.27 -5.23 -50.96
C PRO B 511 -60.90 -4.07 -50.19
N ALA B 512 -61.66 -3.24 -50.91
CA ALA B 512 -62.34 -2.09 -50.31
C ALA B 512 -63.49 -2.54 -49.41
N ASP B 513 -63.99 -3.74 -49.65
CA ASP B 513 -65.09 -4.27 -48.86
C ASP B 513 -64.65 -5.10 -47.66
N ILE B 514 -63.34 -5.24 -47.48
CA ILE B 514 -62.82 -6.02 -46.36
C ILE B 514 -62.82 -5.17 -45.09
N THR B 515 -63.43 -5.73 -44.04
CA THR B 515 -63.53 -5.05 -42.76
C THR B 515 -62.91 -5.93 -41.66
N VAL B 516 -62.15 -5.30 -40.78
CA VAL B 516 -61.52 -6.02 -39.66
C VAL B 516 -62.18 -5.48 -38.40
N SER B 517 -62.84 -6.35 -37.65
CA SER B 517 -63.53 -5.93 -36.43
C SER B 517 -63.20 -6.83 -35.24
N SER B 518 -63.64 -6.41 -34.05
CA SER B 518 -63.38 -7.18 -32.85
C SER B 518 -64.37 -6.84 -31.75
N ALA B 519 -64.68 -7.83 -30.92
CA ALA B 519 -65.58 -7.61 -29.79
C ALA B 519 -64.72 -7.63 -28.52
N TYR B 520 -63.43 -7.95 -28.67
CA TYR B 520 -62.50 -7.99 -27.54
C TYR B 520 -61.08 -7.99 -28.10
N ASN B 521 -60.37 -6.91 -27.84
CA ASN B 521 -59.01 -6.74 -28.34
C ASN B 521 -58.26 -5.86 -27.36
N GLN B 522 -57.21 -6.39 -26.76
CA GLN B 522 -56.42 -5.61 -25.81
C GLN B 522 -55.47 -4.66 -26.53
N CYS B 523 -55.38 -4.84 -27.84
CA CYS B 523 -54.54 -4.01 -28.68
C CYS B 523 -55.44 -3.20 -29.63
N ALA B 524 -54.85 -2.49 -30.58
CA ALA B 524 -55.64 -1.68 -31.50
C ALA B 524 -56.37 -2.52 -32.55
N THR B 525 -57.50 -2.02 -33.04
CA THR B 525 -58.27 -2.69 -34.09
C THR B 525 -58.16 -1.86 -35.36
N PRO B 526 -57.52 -2.40 -36.41
CA PRO B 526 -57.27 -1.65 -37.64
C PRO B 526 -58.50 -1.45 -38.51
N GLU B 527 -58.45 -0.41 -39.34
CA GLU B 527 -59.56 -0.09 -40.22
C GLU B 527 -59.34 -0.68 -41.60
N ASP B 528 -58.11 -0.64 -42.07
CA ASP B 528 -57.78 -1.13 -43.40
C ASP B 528 -56.80 -2.29 -43.45
N VAL B 529 -56.65 -2.85 -44.64
CA VAL B 529 -55.72 -3.94 -44.89
C VAL B 529 -54.58 -3.34 -45.70
N HIS B 530 -53.45 -4.04 -45.76
CA HIS B 530 -52.30 -3.56 -46.49
C HIS B 530 -51.96 -4.46 -47.65
N HIS B 531 -51.74 -3.86 -48.81
CA HIS B 531 -51.38 -4.61 -49.99
C HIS B 531 -49.87 -4.75 -50.07
N VAL B 532 -49.40 -5.96 -50.31
CA VAL B 532 -47.97 -6.23 -50.43
C VAL B 532 -47.62 -6.20 -51.91
N SER B 533 -48.16 -7.17 -52.65
CA SER B 533 -47.95 -7.26 -54.10
C SER B 533 -48.91 -8.32 -54.62
N GLY B 534 -49.28 -8.21 -55.89
CA GLY B 534 -50.19 -9.18 -56.47
C GLY B 534 -51.45 -9.29 -55.64
N ASP B 535 -51.74 -10.50 -55.17
CA ASP B 535 -52.93 -10.72 -54.36
C ASP B 535 -52.61 -10.93 -52.88
N LEU B 536 -51.37 -10.63 -52.51
CA LEU B 536 -50.93 -10.78 -51.13
C LEU B 536 -51.26 -9.51 -50.36
N TYR B 537 -51.96 -9.69 -49.25
CA TYR B 537 -52.35 -8.59 -48.37
C TYR B 537 -52.10 -9.06 -46.94
N TYR B 538 -52.13 -8.13 -46.00
CA TYR B 538 -51.96 -8.46 -44.60
C TYR B 538 -52.70 -7.50 -43.69
N VAL B 539 -53.09 -8.00 -42.52
CA VAL B 539 -53.77 -7.23 -41.49
C VAL B 539 -52.67 -7.03 -40.44
N GLU B 540 -52.61 -5.85 -39.82
CA GLU B 540 -51.58 -5.61 -38.82
C GLU B 540 -52.21 -5.17 -37.51
N ILE B 541 -51.91 -5.89 -36.44
CA ILE B 541 -52.43 -5.55 -35.12
C ILE B 541 -51.31 -4.85 -34.37
N ASP B 542 -51.61 -3.65 -33.88
CA ASP B 542 -50.66 -2.82 -33.17
C ASP B 542 -50.80 -2.90 -31.65
N CYS B 543 -49.79 -3.45 -30.98
CA CYS B 543 -49.81 -3.54 -29.53
C CYS B 543 -48.77 -2.64 -28.86
N THR B 544 -48.20 -1.71 -29.61
CA THR B 544 -47.18 -0.80 -29.06
C THR B 544 -47.79 0.01 -27.91
N GLY B 545 -47.03 0.15 -26.82
CA GLY B 545 -47.55 0.85 -25.66
C GLY B 545 -48.01 -0.14 -24.59
N GLU B 546 -48.26 -1.38 -25.00
CA GLU B 546 -48.69 -2.39 -24.04
C GLU B 546 -47.42 -3.02 -23.51
N LYS B 547 -47.27 -3.06 -22.19
CA LYS B 547 -46.07 -3.65 -21.58
C LYS B 547 -46.31 -5.14 -21.34
N ILE B 548 -45.83 -5.95 -22.27
CA ILE B 548 -45.99 -7.40 -22.17
C ILE B 548 -44.69 -7.97 -21.62
N PHE B 549 -44.72 -8.41 -20.37
CA PHE B 549 -43.53 -8.95 -19.74
C PHE B 549 -43.84 -10.12 -18.80
N PRO B 550 -42.87 -11.01 -18.57
CA PRO B 550 -43.10 -12.19 -17.72
C PRO B 550 -43.12 -11.83 -16.23
N GLY B 551 -44.21 -11.23 -15.78
CA GLY B 551 -44.30 -10.86 -14.38
C GLY B 551 -45.71 -10.99 -13.82
N GLY B 552 -46.50 -11.88 -14.40
CA GLY B 552 -47.84 -12.09 -13.94
C GLY B 552 -48.69 -12.76 -15.01
N GLN B 553 -49.81 -13.33 -14.59
CA GLN B 553 -50.71 -14.01 -15.52
C GLN B 553 -51.27 -13.04 -16.57
N SER B 554 -51.70 -11.86 -16.14
CA SER B 554 -52.24 -10.86 -17.05
C SER B 554 -51.12 -10.13 -17.78
N GLU B 555 -50.05 -9.84 -17.03
CA GLU B 555 -48.93 -9.09 -17.56
C GLU B 555 -48.18 -9.70 -18.73
N HIS B 556 -47.99 -11.02 -18.71
CA HIS B 556 -47.24 -11.70 -19.77
C HIS B 556 -47.96 -11.95 -21.09
N ARG B 557 -49.24 -11.60 -21.18
CA ARG B 557 -49.98 -11.85 -22.41
C ARG B 557 -50.98 -10.75 -22.78
N ARG B 558 -51.43 -10.80 -24.03
CA ARG B 558 -52.43 -9.87 -24.54
C ARG B 558 -53.30 -10.70 -25.48
N GLU B 559 -54.62 -10.64 -25.28
CA GLU B 559 -55.58 -11.35 -26.10
C GLU B 559 -56.10 -10.46 -27.21
N VAL B 560 -56.18 -11.02 -28.41
CA VAL B 560 -56.63 -10.27 -29.57
C VAL B 560 -57.58 -11.11 -30.40
N GLN B 561 -58.84 -10.69 -30.44
CA GLN B 561 -59.82 -11.38 -31.26
C GLN B 561 -60.07 -10.45 -32.44
N PHE B 562 -59.96 -10.96 -33.66
CA PHE B 562 -60.20 -10.13 -34.83
C PHE B 562 -60.87 -10.94 -35.93
N ARG B 563 -61.87 -10.31 -36.58
CA ARG B 563 -62.60 -10.93 -37.66
C ARG B 563 -62.27 -10.19 -38.95
N ILE B 564 -61.95 -10.95 -39.99
CA ILE B 564 -61.64 -10.36 -41.28
C ILE B 564 -62.79 -10.81 -42.17
N ALA B 565 -63.74 -9.91 -42.41
CA ALA B 565 -64.87 -10.26 -43.24
C ALA B 565 -64.67 -9.78 -44.67
N GLY B 566 -64.79 -10.71 -45.61
CA GLY B 566 -64.61 -10.36 -47.02
C GLY B 566 -65.85 -10.58 -47.87
N GLY B 567 -66.89 -11.15 -47.27
CA GLY B 567 -68.11 -11.40 -48.01
C GLY B 567 -68.06 -12.72 -48.77
N PRO B 568 -69.09 -13.01 -49.58
CA PRO B 568 -69.07 -14.24 -50.39
C PRO B 568 -67.89 -14.20 -51.34
N GLY B 569 -67.13 -15.29 -51.39
CA GLY B 569 -65.96 -15.32 -52.24
C GLY B 569 -64.74 -15.49 -51.36
N TRP B 570 -64.87 -15.08 -50.10
CA TRP B 570 -63.80 -15.20 -49.11
C TRP B 570 -63.39 -16.67 -49.02
N ASP B 571 -62.10 -16.94 -49.15
CA ASP B 571 -61.58 -18.29 -49.09
C ASP B 571 -60.26 -18.30 -48.31
N PRO B 572 -60.28 -18.79 -47.06
CA PRO B 572 -59.08 -18.83 -46.22
C PRO B 572 -58.09 -19.95 -46.53
N SER B 573 -58.49 -20.93 -47.34
CA SER B 573 -57.62 -22.08 -47.66
C SER B 573 -56.32 -21.70 -48.34
N ASN B 574 -56.31 -20.56 -49.04
CA ASN B 574 -55.10 -20.14 -49.73
C ASN B 574 -54.41 -18.96 -49.02
N ASP B 575 -54.75 -18.78 -47.74
CA ASP B 575 -54.18 -17.69 -46.93
C ASP B 575 -52.97 -18.19 -46.15
N TRP B 576 -51.86 -17.47 -46.28
CA TRP B 576 -50.62 -17.82 -45.62
C TRP B 576 -50.74 -18.03 -44.11
N SER B 577 -51.16 -16.98 -43.39
CA SER B 577 -51.26 -17.07 -41.94
C SER B 577 -52.30 -18.04 -41.38
N PHE B 578 -53.22 -18.47 -42.24
CA PHE B 578 -54.27 -19.39 -41.85
C PHE B 578 -53.75 -20.82 -41.63
N GLN B 579 -52.64 -21.15 -42.30
CA GLN B 579 -52.02 -22.48 -42.21
C GLN B 579 -51.75 -22.93 -40.78
N GLY B 580 -52.28 -24.10 -40.43
CA GLY B 580 -52.03 -24.65 -39.11
C GLY B 580 -52.84 -24.16 -37.93
N ILE B 581 -53.81 -23.29 -38.16
CA ILE B 581 -54.65 -22.80 -37.08
C ILE B 581 -55.85 -23.74 -36.96
N GLY B 582 -56.10 -24.22 -35.75
CA GLY B 582 -57.21 -25.12 -35.53
C GLY B 582 -58.19 -24.60 -34.50
N ASN B 583 -58.92 -25.50 -33.85
CA ASN B 583 -59.89 -25.10 -32.86
C ASN B 583 -59.32 -25.01 -31.45
N GLU B 584 -58.06 -25.42 -31.32
CA GLU B 584 -57.39 -25.35 -30.03
C GLU B 584 -56.32 -24.29 -30.12
N LEU B 585 -56.15 -23.53 -29.05
CA LEU B 585 -55.15 -22.48 -29.01
C LEU B 585 -53.79 -23.18 -29.05
N ALA B 586 -52.98 -22.84 -30.05
CA ALA B 586 -51.65 -23.42 -30.22
C ALA B 586 -50.80 -22.39 -30.94
N PRO B 587 -49.46 -22.50 -30.86
CA PRO B 587 -48.58 -21.53 -31.52
C PRO B 587 -48.88 -21.43 -33.01
N ALA B 588 -48.92 -20.20 -33.53
CA ALA B 588 -49.21 -19.94 -34.93
C ALA B 588 -47.93 -19.55 -35.66
N PRO B 589 -47.33 -20.50 -36.38
CA PRO B 589 -46.02 -20.30 -37.02
C PRO B 589 -46.03 -19.31 -38.17
N TYR B 590 -47.21 -19.07 -38.74
CA TYR B 590 -47.30 -18.16 -39.88
C TYR B 590 -47.84 -16.76 -39.57
N ILE B 591 -47.96 -16.45 -38.28
CA ILE B 591 -48.37 -15.12 -37.84
C ILE B 591 -47.06 -14.54 -37.29
N VAL B 592 -46.51 -13.55 -37.98
CA VAL B 592 -45.25 -12.93 -37.57
C VAL B 592 -45.42 -11.81 -36.55
N LEU B 593 -44.71 -11.94 -35.43
CA LEU B 593 -44.72 -10.97 -34.34
C LEU B 593 -43.44 -10.14 -34.42
N TYR B 594 -43.57 -8.83 -34.31
CA TYR B 594 -42.43 -7.93 -34.39
C TYR B 594 -42.18 -7.19 -33.09
N ASP B 595 -40.92 -6.86 -32.87
CA ASP B 595 -40.50 -6.11 -31.70
C ASP B 595 -39.86 -4.88 -32.32
N ASP B 596 -40.61 -3.78 -32.33
CA ASP B 596 -40.16 -2.51 -32.91
C ASP B 596 -39.70 -2.71 -34.35
N GLY B 597 -40.48 -3.44 -35.14
CA GLY B 597 -40.13 -3.67 -36.53
C GLY B 597 -39.27 -4.89 -36.81
N VAL B 598 -38.66 -5.45 -35.78
CA VAL B 598 -37.81 -6.63 -35.95
C VAL B 598 -38.57 -7.92 -35.67
N PRO B 599 -38.58 -8.86 -36.63
CA PRO B 599 -39.22 -10.17 -36.48
C PRO B 599 -38.65 -10.93 -35.28
N VAL B 600 -39.55 -11.48 -34.47
CA VAL B 600 -39.17 -12.22 -33.27
C VAL B 600 -39.81 -13.61 -33.28
N TRP B 601 -40.83 -13.81 -34.11
CA TRP B 601 -41.53 -15.09 -34.18
C TRP B 601 -42.24 -15.29 -35.51
N GLY B 602 -42.28 -16.53 -35.98
CA GLY B 602 -42.97 -16.86 -37.22
C GLY B 602 -42.21 -16.62 -38.51
N THR B 603 -42.76 -17.15 -39.60
CA THR B 603 -42.14 -17.00 -40.92
C THR B 603 -43.08 -16.23 -41.84
N ALA B 604 -42.55 -15.18 -42.46
CA ALA B 604 -43.33 -14.35 -43.37
C ALA B 604 -43.32 -15.01 -44.76
N PRO B 605 -44.26 -14.62 -45.64
CA PRO B 605 -44.36 -15.10 -47.03
C PRO B 605 -43.17 -14.66 -47.89
#